data_5CBI
#
_entry.id   5CBI
#
_cell.length_a   79.801
_cell.length_b   79.801
_cell.length_c   225.064
_cell.angle_alpha   90.00
_cell.angle_beta   90.00
_cell.angle_gamma   90.00
#
_symmetry.space_group_name_H-M   'P 43 21 2'
#
loop_
_entity.id
_entity.type
_entity.pdbx_description
1 polymer 'Malate synthase G'
2 non-polymer 'MAGNESIUM ION'
3 non-polymer 5-chloro-2-hydroxybenzonitrile
4 water water
#
_entity_poly.entity_id   1
_entity_poly.type   'polypeptide(L)'
_entity_poly.pdbx_seq_one_letter_code
;MTDRVSVGNLRIARVLYDFVNNEALPGTDIDPDSFWAGVDKVVADLTPQNQALLNARDELQAQIDKWHRRRVIEPIDMDA
YRQFLTEIGYLLPEPDDFTITTSGVDAEITTTAGPQLVVPVLNARFALNAANARWGSLYDALYGTDVIPETDGAEKGPTY
NKVRGDKVIAYARKFLDDSVPLSSGSFGDATGFTVQDGQLVVALPDKSTGLANPGQFAGYTGAAESPTSVLLINHGLHIE
ILIDPESQVGTTDRAGVKDVILESAITTIMDFEDSVAAVDAADKVLGYRNWLGLNKGDLAAAVDKDGTAFLRVLNRDRNY
TAPGGGQFTLPGRSLMFVRNVGHLMTNDAIVDTDGSEVFEGIMDALFTGLIAIHGLKASDVNGPLINSRTGSIYIVKPKM
HGPAEVAFTCELFSRVEDVLGLPQNTMKIGIMDEERRTTVNLKACIKAAADRVVFINTGFLDRTGDEIHTSMEAGPMVRK
GTMKSQPWILAYEDHNVDAGLAAGFSGRAQVGKGMWTMTELMADMVETKIAQPRAGASTAWVPSPTAATLHALHYHQVDV
AAVQQGLAGKRRATIEQLLTIPLAKELAWAPDEIREEVDNNCQSILGYVVRWVDQGVGASKVPDIHDVALMEDRATLRIS
SQLLANWLRHGVITSADVRASLERMAPLVDRQNAGDVAYRPMAPNFDDSIAFLAAQELILSGAQQPNGYTEPILHRRRRE
FKARAAEKPAPSDRAGDDAAR
;
_entity_poly.pdbx_strand_id   A
#
# COMPACT_ATOMS: atom_id res chain seq x y z
N THR A 2 11.63 -36.02 4.22
CA THR A 2 11.53 -34.58 4.00
C THR A 2 12.83 -33.94 3.51
N ASP A 3 12.68 -32.80 2.85
CA ASP A 3 13.78 -31.96 2.39
C ASP A 3 13.88 -30.82 3.42
N ARG A 4 14.21 -31.18 4.66
CA ARG A 4 14.24 -30.22 5.76
C ARG A 4 15.54 -30.27 6.56
N VAL A 5 15.84 -29.18 7.26
CA VAL A 5 17.05 -29.09 8.06
C VAL A 5 16.67 -28.91 9.53
N SER A 6 17.28 -29.69 10.41
CA SER A 6 16.95 -29.62 11.83
C SER A 6 17.81 -28.60 12.56
N VAL A 7 17.14 -27.69 13.26
CA VAL A 7 17.82 -26.71 14.09
C VAL A 7 16.99 -26.57 15.35
N GLY A 8 17.49 -27.11 16.46
CA GLY A 8 16.69 -27.12 17.67
C GLY A 8 15.35 -27.81 17.45
N ASN A 9 14.26 -27.13 17.81
CA ASN A 9 12.92 -27.69 17.66
C ASN A 9 12.30 -27.42 16.28
N LEU A 10 13.10 -26.83 15.39
CA LEU A 10 12.59 -26.37 14.09
C LEU A 10 13.04 -27.26 12.95
N ARG A 11 12.18 -27.46 11.96
CA ARG A 11 12.59 -28.20 10.76
C ARG A 11 12.39 -27.28 9.54
N ILE A 12 13.50 -26.75 9.03
CA ILE A 12 13.46 -25.65 8.05
C ILE A 12 13.49 -26.18 6.63
N ALA A 13 12.59 -25.69 5.77
CA ALA A 13 12.60 -26.10 4.35
C ALA A 13 13.98 -25.84 3.75
N ARG A 14 14.53 -26.80 3.02
CA ARG A 14 15.91 -26.68 2.53
C ARG A 14 16.10 -25.46 1.64
N VAL A 15 15.07 -25.14 0.85
CA VAL A 15 15.17 -24.01 -0.07
C VAL A 15 15.41 -22.72 0.69
N LEU A 16 14.81 -22.62 1.87
CA LEU A 16 14.93 -21.41 2.68
C LEU A 16 16.26 -21.41 3.43
N TYR A 17 16.62 -22.57 3.98
CA TYR A 17 17.90 -22.71 4.69
C TYR A 17 19.05 -22.32 3.76
N ASP A 18 19.05 -22.86 2.55
CA ASP A 18 20.09 -22.53 1.57
C ASP A 18 20.08 -21.06 1.15
N PHE A 19 18.89 -20.52 0.90
CA PHE A 19 18.81 -19.11 0.52
C PHE A 19 19.47 -18.25 1.59
N VAL A 20 19.10 -18.47 2.85
CA VAL A 20 19.59 -17.63 3.93
C VAL A 20 21.11 -17.75 4.11
N ASN A 21 21.62 -18.97 4.05
CA ASN A 21 23.06 -19.19 4.23
C ASN A 21 23.90 -18.69 3.05
N ASN A 22 23.44 -18.96 1.84
CA ASN A 22 24.22 -18.60 0.67
C ASN A 22 24.03 -17.17 0.20
N GLU A 23 22.85 -16.61 0.43
CA GLU A 23 22.52 -15.32 -0.17
C GLU A 23 22.25 -14.20 0.83
N ALA A 24 21.50 -14.51 1.89
CA ALA A 24 21.10 -13.45 2.80
C ALA A 24 22.17 -13.13 3.85
N LEU A 25 22.78 -14.17 4.41
CA LEU A 25 23.74 -13.98 5.51
C LEU A 25 25.11 -13.35 5.17
N PRO A 26 25.73 -13.76 4.05
CA PRO A 26 27.08 -13.21 3.79
C PRO A 26 27.07 -11.71 3.55
N GLY A 27 27.91 -10.99 4.30
CA GLY A 27 27.97 -9.54 4.17
C GLY A 27 27.34 -8.84 5.35
N THR A 28 26.71 -9.62 6.23
CA THR A 28 26.02 -9.06 7.39
C THR A 28 26.85 -9.10 8.68
N ASP A 29 27.94 -9.87 8.67
CA ASP A 29 28.75 -10.11 9.88
C ASP A 29 28.00 -10.88 10.96
N ILE A 30 26.85 -11.46 10.60
CA ILE A 30 26.12 -12.29 11.56
C ILE A 30 26.57 -13.75 11.44
N ASP A 31 26.89 -14.36 12.57
CA ASP A 31 27.33 -15.74 12.56
C ASP A 31 26.14 -16.62 12.22
N PRO A 32 26.27 -17.40 11.14
CA PRO A 32 25.19 -18.27 10.65
C PRO A 32 24.58 -19.16 11.73
N ASP A 33 25.40 -19.87 12.49
CA ASP A 33 24.81 -20.76 13.49
C ASP A 33 24.15 -19.96 14.63
N SER A 34 24.68 -18.77 14.91
CA SER A 34 24.07 -17.92 15.92
C SER A 34 22.72 -17.37 15.43
N PHE A 35 22.62 -17.09 14.14
CA PHE A 35 21.36 -16.63 13.57
C PHE A 35 20.28 -17.69 13.72
N TRP A 36 20.58 -18.89 13.26
CA TRP A 36 19.60 -19.97 13.30
C TRP A 36 19.15 -20.32 14.74
N ALA A 37 20.09 -20.34 15.66
CA ALA A 37 19.76 -20.53 17.08
C ALA A 37 18.83 -19.42 17.56
N GLY A 38 19.07 -18.19 17.09
CA GLY A 38 18.19 -17.08 17.42
C GLY A 38 16.79 -17.28 16.87
N VAL A 39 16.70 -17.82 15.65
CA VAL A 39 15.42 -18.15 15.04
C VAL A 39 14.66 -19.20 15.88
N ASP A 40 15.34 -20.29 16.24
CA ASP A 40 14.75 -21.33 17.08
C ASP A 40 14.23 -20.73 18.37
N LYS A 41 15.05 -19.90 19.02
CA LYS A 41 14.69 -19.30 20.31
C LYS A 41 13.57 -18.26 20.22
N VAL A 42 13.57 -17.43 19.17
CA VAL A 42 12.52 -16.43 19.04
C VAL A 42 11.17 -17.10 18.77
N VAL A 43 11.17 -18.07 17.86
CA VAL A 43 9.95 -18.82 17.59
C VAL A 43 9.41 -19.50 18.84
N ALA A 44 10.29 -20.19 19.57
CA ALA A 44 9.86 -20.87 20.78
C ALA A 44 9.35 -19.89 21.85
N ASP A 45 10.01 -18.74 22.00
CA ASP A 45 9.62 -17.79 23.06
C ASP A 45 8.31 -17.04 22.76
N LEU A 46 8.11 -16.66 21.50
CA LEU A 46 7.02 -15.73 21.17
C LEU A 46 5.75 -16.41 20.64
N THR A 47 5.86 -17.65 20.18
CA THR A 47 4.70 -18.36 19.64
C THR A 47 3.49 -18.41 20.58
N PRO A 48 3.69 -18.78 21.87
CA PRO A 48 2.52 -18.82 22.78
C PRO A 48 1.72 -17.52 22.85
N GLN A 49 2.37 -16.38 22.95
CA GLN A 49 1.64 -15.13 23.01
C GLN A 49 0.96 -14.81 21.68
N ASN A 50 1.63 -15.12 20.59
CA ASN A 50 1.03 -14.99 19.27
C ASN A 50 -0.29 -15.77 19.25
N GLN A 51 -0.23 -17.00 19.78
CA GLN A 51 -1.40 -17.86 19.89
C GLN A 51 -2.45 -17.26 20.82
N ALA A 52 -2.01 -16.74 21.95
CA ALA A 52 -2.94 -16.19 22.93
C ALA A 52 -3.70 -14.98 22.37
N LEU A 53 -3.03 -14.21 21.52
CA LEU A 53 -3.63 -13.02 20.93
C LEU A 53 -4.73 -13.40 19.94
N LEU A 54 -4.49 -14.44 19.14
CA LEU A 54 -5.48 -14.91 18.18
C LEU A 54 -6.69 -15.49 18.91
N ASN A 55 -6.41 -16.21 20.01
CA ASN A 55 -7.48 -16.67 20.91
C ASN A 55 -8.31 -15.51 21.47
N ALA A 56 -7.66 -14.41 21.85
CA ALA A 56 -8.39 -13.24 22.35
C ALA A 56 -9.37 -12.68 21.32
N ARG A 57 -8.95 -12.67 20.05
CA ARG A 57 -9.85 -12.20 18.98
C ARG A 57 -11.10 -13.04 18.92
N ASP A 58 -10.93 -14.36 18.92
CA ASP A 58 -12.06 -15.28 18.84
C ASP A 58 -12.98 -15.09 20.03
N GLU A 59 -12.37 -14.97 21.21
CA GLU A 59 -13.16 -14.82 22.43
C GLU A 59 -13.99 -13.53 22.43
N LEU A 60 -13.39 -12.44 21.97
CA LEU A 60 -14.12 -11.17 21.89
C LEU A 60 -15.27 -11.28 20.88
N GLN A 61 -15.01 -11.90 19.73
CA GLN A 61 -16.03 -11.98 18.68
C GLN A 61 -17.23 -12.82 19.09
N ALA A 62 -16.96 -13.94 19.78
CA ALA A 62 -18.03 -14.78 20.30
C ALA A 62 -18.94 -13.99 21.27
N GLN A 63 -18.33 -13.21 22.16
CA GLN A 63 -19.12 -12.38 23.06
C GLN A 63 -19.96 -11.35 22.30
N ILE A 64 -19.36 -10.71 21.29
CA ILE A 64 -20.10 -9.74 20.48
C ILE A 64 -21.24 -10.45 19.71
N ASP A 65 -20.94 -11.62 19.15
CA ASP A 65 -21.97 -12.41 18.46
C ASP A 65 -23.18 -12.67 19.36
N LYS A 66 -22.95 -13.23 20.54
CA LYS A 66 -24.03 -13.52 21.48
C LYS A 66 -24.77 -12.24 21.83
N TRP A 67 -24.02 -11.17 22.08
CA TRP A 67 -24.63 -9.90 22.48
C TRP A 67 -25.70 -9.44 21.49
N HIS A 68 -25.40 -9.54 20.21
CA HIS A 68 -26.34 -9.12 19.17
C HIS A 68 -27.53 -10.07 19.11
N ARG A 69 -27.27 -11.37 19.29
CA ARG A 69 -28.33 -12.38 19.23
C ARG A 69 -29.34 -12.27 20.36
N ARG A 70 -28.89 -11.85 21.54
CA ARG A 70 -29.76 -11.78 22.71
C ARG A 70 -30.36 -10.39 22.82
N ARG A 71 -30.71 -9.83 21.67
CA ARG A 71 -31.16 -8.46 21.62
C ARG A 71 -32.31 -8.35 20.65
N VAL A 72 -33.44 -7.91 21.16
CA VAL A 72 -34.61 -7.61 20.36
C VAL A 72 -35.12 -6.30 20.91
N ILE A 73 -34.43 -5.21 20.57
CA ILE A 73 -34.88 -3.86 20.91
C ILE A 73 -34.67 -2.91 19.73
N GLU A 74 -34.88 -3.40 18.51
CA GLU A 74 -34.92 -2.57 17.30
C GLU A 74 -33.67 -1.66 17.13
N PRO A 75 -33.74 -0.31 17.37
CA PRO A 75 -32.41 0.26 17.14
C PRO A 75 -31.50 0.01 18.34
N ILE A 76 -30.26 -0.36 18.07
CA ILE A 76 -29.30 -0.70 19.11
C ILE A 76 -29.07 0.46 20.08
N ASP A 77 -29.07 0.18 21.38
CA ASP A 77 -28.73 1.19 22.39
C ASP A 77 -27.21 1.36 22.43
N MET A 78 -26.73 2.45 21.86
CA MET A 78 -25.31 2.76 21.82
C MET A 78 -24.67 2.83 23.20
N ASP A 79 -25.36 3.47 24.14
CA ASP A 79 -24.86 3.54 25.53
C ASP A 79 -24.62 2.15 26.10
N ALA A 80 -25.57 1.25 25.87
CA ALA A 80 -25.43 -0.13 26.33
C ALA A 80 -24.31 -0.86 25.59
N TYR A 81 -24.32 -0.75 24.26
CA TYR A 81 -23.34 -1.41 23.42
C TYR A 81 -21.93 -0.95 23.79
N ARG A 82 -21.79 0.35 24.01
CA ARG A 82 -20.50 0.95 24.31
C ARG A 82 -19.94 0.50 25.66
N GLN A 83 -20.80 0.36 26.66
CA GLN A 83 -20.35 -0.10 27.97
C GLN A 83 -20.08 -1.60 27.91
N PHE A 84 -20.83 -2.31 27.08
CA PHE A 84 -20.59 -3.72 26.87
C PHE A 84 -19.19 -3.98 26.30
N LEU A 85 -18.78 -3.16 25.33
CA LEU A 85 -17.45 -3.29 24.72
C LEU A 85 -16.34 -2.97 25.70
N THR A 86 -16.61 -2.03 26.61
CA THR A 86 -15.65 -1.63 27.62
C THR A 86 -15.47 -2.77 28.62
N GLU A 87 -16.60 -3.32 29.03
CA GLU A 87 -16.64 -4.42 29.99
C GLU A 87 -15.80 -5.62 29.58
N ILE A 88 -15.84 -5.97 28.30
CA ILE A 88 -15.16 -7.16 27.81
C ILE A 88 -13.72 -6.89 27.41
N GLY A 89 -13.30 -5.64 27.54
CA GLY A 89 -11.93 -5.26 27.24
C GLY A 89 -11.66 -5.02 25.77
N TYR A 90 -12.73 -4.83 24.98
CA TYR A 90 -12.62 -4.55 23.54
C TYR A 90 -12.30 -3.07 23.36
N LEU A 91 -12.98 -2.24 24.16
CA LEU A 91 -12.75 -0.80 24.16
C LEU A 91 -11.93 -0.44 25.39
N LEU A 92 -10.63 -0.20 25.21
CA LEU A 92 -9.75 0.09 26.35
C LEU A 92 -9.75 1.57 26.68
N PRO A 93 -9.39 1.93 27.93
CA PRO A 93 -9.30 3.35 28.27
C PRO A 93 -8.31 4.08 27.38
N GLU A 94 -8.57 5.38 27.16
CA GLU A 94 -7.69 6.21 26.35
C GLU A 94 -6.57 6.76 27.22
N PRO A 95 -5.31 6.60 26.78
CA PRO A 95 -4.16 7.07 27.56
C PRO A 95 -4.09 8.60 27.62
N ASP A 96 -3.29 9.11 28.53
CA ASP A 96 -2.98 10.53 28.56
C ASP A 96 -2.24 10.92 27.28
N ASP A 97 -2.32 12.20 26.91
CA ASP A 97 -1.69 12.70 25.70
C ASP A 97 -0.19 12.48 25.75
N PHE A 98 0.42 12.35 24.57
CA PHE A 98 1.85 12.09 24.50
C PHE A 98 2.36 12.43 23.10
N THR A 99 3.68 12.41 22.95
CA THR A 99 4.32 12.67 21.67
C THR A 99 5.27 11.51 21.40
N ILE A 100 5.39 11.11 20.13
CA ILE A 100 6.25 9.99 19.78
C ILE A 100 7.72 10.36 19.87
N THR A 101 8.54 9.38 20.20
CA THR A 101 9.96 9.63 20.43
C THR A 101 10.82 9.00 19.34
N THR A 102 10.17 8.47 18.31
CA THR A 102 10.87 7.73 17.23
C THR A 102 12.00 8.56 16.60
N SER A 103 13.23 8.06 16.71
CA SER A 103 14.36 8.81 16.17
C SER A 103 15.09 8.02 15.09
N GLY A 104 16.02 8.68 14.40
CA GLY A 104 16.78 8.01 13.35
C GLY A 104 15.99 7.79 12.07
N VAL A 105 14.99 8.63 11.84
CA VAL A 105 14.09 8.44 10.71
C VAL A 105 14.51 9.26 9.48
N ASP A 106 14.46 8.66 8.30
CA ASP A 106 14.84 9.33 7.06
C ASP A 106 13.93 10.52 6.70
N ALA A 107 14.46 11.45 5.91
CA ALA A 107 13.76 12.71 5.59
C ALA A 107 12.48 12.50 4.80
N GLU A 108 12.46 11.45 3.97
CA GLU A 108 11.28 11.13 3.17
C GLU A 108 10.04 10.85 4.01
N ILE A 109 10.26 10.39 5.24
CA ILE A 109 9.16 10.04 6.15
C ILE A 109 8.79 11.15 7.12
N THR A 110 9.78 11.72 7.79
CA THR A 110 9.55 12.78 8.79
C THR A 110 8.92 14.01 8.17
N THR A 111 9.40 14.35 6.98
CA THR A 111 9.27 15.70 6.47
C THR A 111 8.44 15.81 5.19
N THR A 112 8.91 15.15 4.14
CA THR A 112 8.31 15.28 2.81
C THR A 112 6.93 14.64 2.76
N ALA A 113 6.00 15.32 2.10
CA ALA A 113 4.69 14.72 1.85
C ALA A 113 4.60 14.40 0.36
N GLY A 114 4.21 13.17 0.04
CA GLY A 114 4.12 12.75 -1.35
C GLY A 114 3.46 11.40 -1.49
N PRO A 115 3.28 10.95 -2.74
CA PRO A 115 2.67 9.65 -3.07
C PRO A 115 3.45 8.47 -2.51
N GLN A 116 2.77 7.36 -2.25
CA GLN A 116 3.44 6.12 -1.83
C GLN A 116 2.94 4.92 -2.65
N LEU A 117 3.89 4.18 -3.20
CA LEU A 117 3.59 3.01 -4.02
C LEU A 117 3.46 1.77 -3.13
N VAL A 118 2.62 0.82 -3.52
CA VAL A 118 2.62 -0.50 -2.89
C VAL A 118 2.71 -1.54 -3.99
N VAL A 119 3.73 -2.40 -3.93
CA VAL A 119 4.02 -3.29 -5.05
C VAL A 119 4.32 -4.71 -4.58
N PRO A 120 3.77 -5.72 -5.30
CA PRO A 120 4.05 -7.12 -4.98
C PRO A 120 5.53 -7.45 -5.10
N VAL A 121 6.15 -7.83 -3.99
CA VAL A 121 7.59 -8.07 -3.97
C VAL A 121 7.97 -9.30 -4.80
N LEU A 122 7.01 -10.18 -5.07
CA LEU A 122 7.29 -11.40 -5.82
C LEU A 122 7.49 -11.14 -7.33
N ASN A 123 7.12 -9.93 -7.77
CA ASN A 123 7.31 -9.56 -9.16
C ASN A 123 8.50 -8.60 -9.31
N ALA A 124 9.64 -9.13 -9.74
CA ALA A 124 10.86 -8.34 -9.82
C ALA A 124 10.74 -7.08 -10.71
N ARG A 125 10.13 -7.22 -11.88
CA ARG A 125 9.94 -6.08 -12.78
C ARG A 125 9.17 -4.94 -12.12
N PHE A 126 8.06 -5.28 -11.47
CA PHE A 126 7.22 -4.28 -10.82
C PHE A 126 7.97 -3.68 -9.63
N ALA A 127 8.66 -4.51 -8.86
CA ALA A 127 9.42 -4.01 -7.71
C ALA A 127 10.44 -2.99 -8.20
N LEU A 128 11.17 -3.35 -9.25
CA LEU A 128 12.13 -2.45 -9.89
C LEU A 128 11.52 -1.14 -10.39
N ASN A 129 10.42 -1.22 -11.13
CA ASN A 129 9.76 0.01 -11.60
C ASN A 129 9.34 0.88 -10.43
N ALA A 130 8.73 0.27 -9.42
CA ALA A 130 8.24 1.05 -8.29
C ALA A 130 9.40 1.78 -7.61
N ALA A 131 10.51 1.07 -7.42
CA ALA A 131 11.71 1.65 -6.83
C ALA A 131 12.26 2.82 -7.68
N ASN A 132 12.17 2.70 -9.00
CA ASN A 132 12.64 3.72 -9.93
C ASN A 132 11.61 4.84 -10.16
N ALA A 133 10.45 4.69 -9.54
CA ALA A 133 9.34 5.61 -9.78
C ALA A 133 9.44 6.89 -8.96
N ARG A 134 10.54 7.08 -8.24
CA ARG A 134 10.70 8.29 -7.44
C ARG A 134 10.72 9.52 -8.34
N TRP A 135 11.26 9.33 -9.55
CA TRP A 135 11.28 10.38 -10.58
C TRP A 135 10.51 9.82 -11.76
N GLY A 136 9.52 10.57 -12.25
CA GLY A 136 8.73 10.15 -13.39
C GLY A 136 8.35 11.31 -14.29
N SER A 137 8.23 11.01 -15.59
CA SER A 137 7.84 12.00 -16.59
C SER A 137 6.38 12.45 -16.50
N LEU A 138 6.17 13.76 -16.34
CA LEU A 138 4.83 14.32 -16.36
C LEU A 138 4.24 14.23 -17.76
N TYR A 139 5.10 14.37 -18.78
CA TYR A 139 4.62 14.32 -20.16
C TYR A 139 4.09 12.93 -20.49
N ASP A 140 4.86 11.90 -20.11
CA ASP A 140 4.45 10.52 -20.29
C ASP A 140 3.10 10.31 -19.64
N ALA A 141 2.97 10.74 -18.38
CA ALA A 141 1.76 10.54 -17.60
C ALA A 141 0.55 11.24 -18.20
N LEU A 142 0.76 12.47 -18.67
CA LEU A 142 -0.33 13.23 -19.26
C LEU A 142 -0.75 12.70 -20.63
N TYR A 143 0.23 12.46 -21.49
CA TYR A 143 -0.04 11.99 -22.85
C TYR A 143 -0.70 10.61 -22.87
N GLY A 144 -0.22 9.72 -22.01
CA GLY A 144 -0.62 8.33 -22.03
C GLY A 144 -1.93 8.00 -21.31
N THR A 145 -2.45 8.94 -20.51
CA THR A 145 -3.67 8.69 -19.76
C THR A 145 -4.82 9.59 -20.21
N ASP A 146 -5.96 9.47 -19.55
CA ASP A 146 -7.13 10.23 -19.95
C ASP A 146 -7.20 11.60 -19.28
N VAL A 147 -6.14 12.00 -18.56
CA VAL A 147 -6.11 13.35 -17.98
C VAL A 147 -6.24 14.41 -19.08
N ILE A 148 -5.59 14.18 -20.21
CA ILE A 148 -5.82 14.99 -21.41
C ILE A 148 -6.89 14.27 -22.25
N PRO A 149 -8.07 14.88 -22.41
CA PRO A 149 -9.15 14.23 -23.18
C PRO A 149 -8.73 14.02 -24.64
N GLU A 150 -9.38 13.11 -25.36
CA GLU A 150 -9.07 12.92 -26.78
C GLU A 150 -9.95 13.77 -27.69
N THR A 151 -10.45 14.88 -27.14
CA THR A 151 -11.24 15.83 -27.91
C THR A 151 -10.36 16.89 -28.57
N ASP A 152 -10.80 17.32 -29.76
CA ASP A 152 -10.33 18.53 -30.46
C ASP A 152 -8.84 18.77 -30.86
N GLY A 153 -8.21 17.84 -31.58
CA GLY A 153 -8.67 16.50 -31.85
C GLY A 153 -7.49 15.67 -31.41
N ALA A 154 -7.42 15.44 -30.10
CA ALA A 154 -6.21 14.94 -29.47
C ALA A 154 -6.27 13.45 -29.19
N GLU A 155 -6.74 12.68 -30.18
CA GLU A 155 -6.83 11.24 -30.02
C GLU A 155 -5.45 10.61 -30.02
N LYS A 156 -5.28 9.58 -29.21
CA LYS A 156 -4.08 8.78 -29.27
C LYS A 156 -4.15 7.94 -30.54
N GLY A 157 -3.01 7.40 -30.92
CA GLY A 157 -2.90 6.59 -32.11
C GLY A 157 -1.57 5.88 -32.06
N PRO A 158 -1.23 5.13 -33.12
CA PRO A 158 0.02 4.36 -33.15
C PRO A 158 1.21 5.30 -33.23
N THR A 159 0.98 6.52 -33.74
CA THR A 159 2.04 7.52 -33.85
C THR A 159 1.74 8.81 -33.08
N TYR A 160 2.81 9.56 -32.81
CA TYR A 160 2.74 10.83 -32.09
C TYR A 160 1.69 11.81 -32.64
N ASN A 161 0.78 12.27 -31.77
CA ASN A 161 -0.18 13.32 -32.13
C ASN A 161 0.27 14.67 -31.58
N LYS A 162 0.60 15.58 -32.50
CA LYS A 162 1.11 16.91 -32.15
C LYS A 162 0.07 17.74 -31.41
N VAL A 163 -1.19 17.63 -31.85
CA VAL A 163 -2.26 18.35 -31.19
C VAL A 163 -2.37 17.92 -29.73
N ARG A 164 -2.19 16.62 -29.49
CA ARG A 164 -2.24 16.08 -28.13
C ARG A 164 -1.02 16.53 -27.33
N GLY A 165 0.17 16.40 -27.92
CA GLY A 165 1.41 16.84 -27.28
C GLY A 165 1.33 18.28 -26.82
N ASP A 166 0.71 19.12 -27.65
CA ASP A 166 0.55 20.54 -27.32
C ASP A 166 -0.32 20.78 -26.08
N LYS A 167 -1.39 19.99 -25.92
CA LYS A 167 -2.18 20.09 -24.69
C LYS A 167 -1.38 19.58 -23.50
N VAL A 168 -0.58 18.53 -23.71
CA VAL A 168 0.30 18.02 -22.66
C VAL A 168 1.17 19.18 -22.19
N ILE A 169 1.78 19.88 -23.15
CA ILE A 169 2.67 20.98 -22.85
C ILE A 169 1.97 22.09 -22.07
N ALA A 170 0.79 22.49 -22.55
CA ALA A 170 0.02 23.55 -21.91
C ALA A 170 -0.33 23.20 -20.47
N TYR A 171 -0.79 21.97 -20.28
CA TYR A 171 -1.14 21.48 -18.95
C TYR A 171 0.06 21.67 -18.02
N ALA A 172 1.24 21.25 -18.48
CA ALA A 172 2.45 21.33 -17.67
C ALA A 172 2.86 22.77 -17.39
N ARG A 173 2.75 23.63 -18.41
CA ARG A 173 3.03 25.06 -18.20
C ARG A 173 2.16 25.68 -17.12
N LYS A 174 0.87 25.33 -17.10
CA LYS A 174 -0.01 25.87 -16.06
C LYS A 174 0.38 25.31 -14.68
N PHE A 175 0.75 24.04 -14.63
CA PHE A 175 1.24 23.44 -13.39
C PHE A 175 2.44 24.21 -12.85
N LEU A 176 3.39 24.51 -13.73
CA LEU A 176 4.54 25.36 -13.36
C LEU A 176 4.10 26.72 -12.82
N ASP A 177 3.17 27.37 -13.52
CA ASP A 177 2.70 28.69 -13.08
C ASP A 177 2.10 28.55 -11.69
N ASP A 178 1.36 27.47 -11.47
CA ASP A 178 0.60 27.29 -10.24
C ASP A 178 1.54 26.93 -9.09
N SER A 179 2.64 26.27 -9.41
CA SER A 179 3.53 25.72 -8.40
C SER A 179 4.71 26.62 -8.06
N VAL A 180 5.41 27.07 -9.10
CA VAL A 180 6.61 27.89 -8.94
C VAL A 180 6.43 29.18 -9.74
N PRO A 181 5.57 30.07 -9.23
CA PRO A 181 5.13 31.27 -9.96
C PRO A 181 6.27 32.23 -10.29
N LEU A 182 6.28 32.76 -11.52
CA LEU A 182 7.21 33.83 -11.87
C LEU A 182 6.78 35.14 -11.21
N SER A 183 7.72 36.04 -10.99
CA SER A 183 7.39 37.37 -10.48
C SER A 183 6.41 38.07 -11.41
N SER A 184 6.66 37.98 -12.71
CA SER A 184 5.72 38.46 -13.73
C SER A 184 5.66 37.54 -14.95
N GLY A 185 4.47 37.41 -15.54
CA GLY A 185 4.30 36.57 -16.71
C GLY A 185 4.07 35.09 -16.41
N SER A 186 4.02 34.30 -17.47
CA SER A 186 3.70 32.88 -17.36
C SER A 186 4.75 32.03 -18.06
N PHE A 187 4.97 30.83 -17.54
CA PHE A 187 5.88 29.88 -18.18
C PHE A 187 5.44 29.55 -19.59
N GLY A 188 4.15 29.74 -19.86
CA GLY A 188 3.60 29.49 -21.17
C GLY A 188 4.31 30.30 -22.24
N ASP A 189 4.73 31.50 -21.87
CA ASP A 189 5.41 32.39 -22.81
C ASP A 189 6.92 32.44 -22.64
N ALA A 190 7.47 31.54 -21.82
CA ALA A 190 8.92 31.45 -21.66
C ALA A 190 9.60 31.13 -22.98
N THR A 191 10.77 31.72 -23.23
CA THR A 191 11.54 31.43 -24.45
C THR A 191 12.88 30.84 -24.11
N GLY A 192 13.26 30.89 -22.84
CA GLY A 192 14.52 30.31 -22.40
C GLY A 192 14.81 30.44 -20.92
N PHE A 193 15.79 29.67 -20.46
CA PHE A 193 16.19 29.71 -19.06
C PHE A 193 17.69 29.90 -18.98
N THR A 194 18.13 30.71 -18.01
CA THR A 194 19.54 30.87 -17.72
C THR A 194 19.75 30.92 -16.20
N VAL A 195 20.97 30.66 -15.77
CA VAL A 195 21.35 30.88 -14.39
C VAL A 195 22.33 32.04 -14.34
N GLN A 196 21.95 33.12 -13.67
CA GLN A 196 22.84 34.27 -13.54
C GLN A 196 22.92 34.75 -12.09
N ASP A 197 24.07 34.51 -11.49
CA ASP A 197 24.37 34.95 -10.11
C ASP A 197 23.50 34.29 -9.06
N GLY A 198 23.52 32.95 -9.04
CA GLY A 198 22.77 32.17 -8.08
C GLY A 198 21.27 32.31 -8.23
N GLN A 199 20.82 32.75 -9.40
CA GLN A 199 19.40 33.02 -9.62
C GLN A 199 18.94 32.49 -10.96
N LEU A 200 17.69 32.01 -11.01
CA LEU A 200 17.11 31.53 -12.25
C LEU A 200 16.55 32.69 -13.04
N VAL A 201 16.92 32.80 -14.31
CA VAL A 201 16.42 33.86 -15.16
C VAL A 201 15.59 33.32 -16.34
N VAL A 202 14.31 33.66 -16.36
CA VAL A 202 13.40 33.15 -17.39
C VAL A 202 13.10 34.22 -18.44
N ALA A 203 13.36 33.87 -19.71
CA ALA A 203 13.16 34.81 -20.82
C ALA A 203 11.71 34.81 -21.30
N LEU A 204 11.15 36.02 -21.39
CA LEU A 204 9.83 36.23 -21.97
C LEU A 204 10.05 37.08 -23.23
N PRO A 205 9.08 37.09 -24.17
CA PRO A 205 9.24 37.87 -25.42
C PRO A 205 9.64 39.32 -25.13
N ASP A 206 9.01 39.85 -24.09
CA ASP A 206 9.04 41.26 -23.74
C ASP A 206 10.15 41.59 -22.76
N LYS A 207 10.10 40.96 -21.59
CA LYS A 207 11.01 41.26 -20.49
C LYS A 207 11.71 40.00 -20.00
N SER A 208 12.30 40.07 -18.81
CA SER A 208 12.85 38.89 -18.17
C SER A 208 12.51 38.90 -16.68
N THR A 209 12.29 37.72 -16.13
CA THR A 209 11.81 37.62 -14.76
C THR A 209 12.49 36.46 -14.03
N GLY A 210 12.60 36.58 -12.71
CA GLY A 210 13.00 35.46 -11.87
C GLY A 210 11.73 35.01 -11.17
N LEU A 211 11.87 34.16 -10.17
CA LEU A 211 10.72 33.57 -9.48
C LEU A 211 10.11 34.51 -8.44
N ALA A 212 8.82 34.36 -8.18
CA ALA A 212 8.14 35.06 -7.10
C ALA A 212 8.80 34.72 -5.76
N ASN A 213 9.19 33.45 -5.62
CA ASN A 213 10.01 33.02 -4.50
C ASN A 213 11.26 32.31 -5.01
N PRO A 214 12.37 33.05 -5.10
CA PRO A 214 13.67 32.55 -5.57
C PRO A 214 14.14 31.32 -4.79
N GLY A 215 13.64 31.14 -3.58
CA GLY A 215 13.98 29.97 -2.78
C GLY A 215 13.61 28.67 -3.45
N GLN A 216 12.60 28.72 -4.33
CA GLN A 216 12.15 27.53 -5.05
C GLN A 216 13.17 27.05 -6.07
N PHE A 217 14.08 27.92 -6.47
CA PHE A 217 15.16 27.47 -7.35
C PHE A 217 16.05 26.53 -6.53
N ALA A 218 16.25 25.31 -7.03
CA ALA A 218 16.93 24.29 -6.23
C ALA A 218 18.26 23.86 -6.80
N GLY A 219 18.43 24.06 -8.11
CA GLY A 219 19.63 23.63 -8.78
C GLY A 219 19.43 23.58 -10.29
N TYR A 220 20.45 23.11 -10.99
CA TYR A 220 20.42 23.03 -12.44
C TYR A 220 21.47 22.06 -12.93
N THR A 221 21.37 21.63 -14.18
CA THR A 221 22.40 20.78 -14.78
C THR A 221 22.99 21.48 -16.00
N GLY A 222 24.21 21.11 -16.37
CA GLY A 222 24.91 21.77 -17.47
C GLY A 222 25.33 23.19 -17.10
N ALA A 223 25.62 24.00 -18.12
CA ALA A 223 26.13 25.36 -17.91
C ALA A 223 25.07 26.32 -17.35
N ALA A 224 25.49 27.15 -16.39
CA ALA A 224 24.63 28.22 -15.90
C ALA A 224 24.18 29.08 -17.07
N GLU A 225 25.08 29.21 -18.05
CA GLU A 225 24.82 29.81 -19.36
C GLU A 225 23.48 29.36 -19.90
N SER A 226 23.47 28.16 -20.45
CA SER A 226 22.28 27.54 -21.03
C SER A 226 22.16 26.15 -20.41
N PRO A 227 21.36 26.02 -19.34
CA PRO A 227 21.31 24.78 -18.58
C PRO A 227 20.70 23.65 -19.41
N THR A 228 21.04 22.41 -19.09
CA THR A 228 20.36 21.28 -19.70
C THR A 228 19.06 21.01 -18.97
N SER A 229 18.99 21.46 -17.71
CA SER A 229 17.77 21.35 -16.92
C SER A 229 17.79 22.34 -15.76
N VAL A 230 16.60 22.64 -15.25
CA VAL A 230 16.46 23.55 -14.14
C VAL A 230 15.69 22.82 -13.07
N LEU A 231 16.21 22.84 -11.85
CA LEU A 231 15.59 22.08 -10.76
C LEU A 231 14.85 23.04 -9.86
N LEU A 232 13.56 22.77 -9.69
CA LEU A 232 12.73 23.58 -8.82
C LEU A 232 12.31 22.75 -7.62
N ILE A 233 11.90 23.42 -6.55
CA ILE A 233 11.34 22.72 -5.43
C ILE A 233 10.11 23.43 -4.94
N ASN A 234 9.10 22.65 -4.56
CA ASN A 234 7.89 23.21 -4.00
C ASN A 234 7.32 22.20 -3.02
N HIS A 235 6.93 22.69 -1.84
CA HIS A 235 6.38 21.85 -0.79
C HIS A 235 7.28 20.66 -0.46
N GLY A 236 8.59 20.83 -0.66
CA GLY A 236 9.53 19.76 -0.39
C GLY A 236 9.77 18.85 -1.57
N LEU A 237 8.90 18.91 -2.58
CA LEU A 237 9.02 18.02 -3.73
C LEU A 237 9.69 18.72 -4.91
N HIS A 238 10.56 17.99 -5.61
CA HIS A 238 11.32 18.56 -6.72
C HIS A 238 10.59 18.49 -8.05
N ILE A 239 10.89 19.47 -8.91
CA ILE A 239 10.40 19.51 -10.28
C ILE A 239 11.59 19.76 -11.19
N GLU A 240 11.70 18.98 -12.26
CA GLU A 240 12.82 19.19 -13.19
C GLU A 240 12.39 19.45 -14.63
N ILE A 241 12.67 20.66 -15.08
CA ILE A 241 12.40 21.06 -16.45
C ILE A 241 13.57 20.60 -17.31
N LEU A 242 13.32 19.63 -18.19
CA LEU A 242 14.34 19.22 -19.13
C LEU A 242 14.32 20.18 -20.33
N ILE A 243 15.45 20.84 -20.55
CA ILE A 243 15.61 21.79 -21.65
C ILE A 243 16.47 21.17 -22.73
N ASP A 244 15.87 20.87 -23.89
CA ASP A 244 16.59 20.20 -24.97
C ASP A 244 15.86 20.37 -26.30
N PRO A 245 16.21 21.44 -27.06
CA PRO A 245 15.54 21.83 -28.31
C PRO A 245 15.71 20.77 -29.41
N GLU A 246 16.67 19.87 -29.23
CA GLU A 246 16.94 18.80 -30.18
C GLU A 246 15.84 17.74 -30.27
N SER A 247 15.23 17.43 -29.13
CA SER A 247 14.22 16.38 -29.06
C SER A 247 13.02 16.67 -29.97
N GLN A 248 12.20 15.64 -30.20
CA GLN A 248 11.03 15.77 -31.07
C GLN A 248 9.92 16.61 -30.44
N VAL A 249 9.91 16.65 -29.10
CA VAL A 249 8.97 17.48 -28.39
C VAL A 249 9.56 18.87 -28.26
N GLY A 250 10.85 18.93 -27.95
CA GLY A 250 11.56 20.18 -27.78
C GLY A 250 11.62 21.00 -29.06
N THR A 251 11.51 20.34 -30.20
CA THR A 251 11.53 21.01 -31.51
C THR A 251 10.31 21.91 -31.66
N THR A 252 9.23 21.54 -30.97
CA THR A 252 7.97 22.25 -31.09
C THR A 252 7.79 23.26 -29.98
N ASP A 253 8.58 23.13 -28.91
CA ASP A 253 8.42 23.96 -27.71
C ASP A 253 9.06 25.35 -27.84
N ARG A 254 8.34 26.36 -27.36
CA ARG A 254 8.78 27.75 -27.46
C ARG A 254 9.99 28.09 -26.59
N ALA A 255 10.34 27.19 -25.67
CA ALA A 255 11.46 27.41 -24.79
C ALA A 255 12.44 26.26 -24.90
N GLY A 256 12.16 25.35 -25.82
CA GLY A 256 13.00 24.18 -26.03
C GLY A 256 12.74 23.05 -25.05
N VAL A 257 11.72 23.22 -24.21
CA VAL A 257 11.41 22.21 -23.19
C VAL A 257 11.04 20.85 -23.78
N LYS A 258 11.61 19.79 -23.21
CA LYS A 258 11.41 18.42 -23.68
C LYS A 258 10.46 17.61 -22.78
N ASP A 259 10.51 17.89 -21.48
CA ASP A 259 9.71 17.15 -20.51
C ASP A 259 9.76 17.91 -19.20
N VAL A 260 8.81 17.59 -18.32
CA VAL A 260 8.83 18.05 -16.94
C VAL A 260 8.83 16.78 -16.10
N ILE A 261 9.81 16.67 -15.20
CA ILE A 261 10.01 15.45 -14.44
C ILE A 261 9.60 15.76 -13.00
N LEU A 262 8.73 14.93 -12.43
CA LEU A 262 8.29 15.16 -11.07
C LEU A 262 8.87 14.12 -10.12
N GLU A 263 9.34 14.58 -8.96
CA GLU A 263 9.58 13.67 -7.85
C GLU A 263 8.20 13.18 -7.40
N SER A 264 7.99 11.87 -7.48
CA SER A 264 6.67 11.26 -7.32
C SER A 264 6.66 10.32 -6.11
N ALA A 265 6.97 9.06 -6.39
CA ALA A 265 6.94 8.02 -5.36
C ALA A 265 8.12 8.18 -4.41
N ILE A 266 7.93 9.02 -3.40
CA ILE A 266 8.96 9.34 -2.42
C ILE A 266 9.35 8.12 -1.59
N THR A 267 8.33 7.35 -1.17
CA THR A 267 8.55 6.06 -0.50
C THR A 267 7.76 5.00 -1.25
N THR A 268 8.18 3.74 -1.10
CA THR A 268 7.52 2.61 -1.74
C THR A 268 7.46 1.46 -0.74
N ILE A 269 6.30 0.79 -0.69
CA ILE A 269 6.15 -0.37 0.16
C ILE A 269 6.29 -1.65 -0.66
N MET A 270 7.33 -2.42 -0.38
CA MET A 270 7.55 -3.73 -1.00
C MET A 270 6.75 -4.78 -0.20
N ASP A 271 5.80 -5.43 -0.87
CA ASP A 271 4.71 -6.11 -0.16
C ASP A 271 4.86 -7.64 -0.14
N PHE A 272 4.85 -8.23 1.06
CA PHE A 272 4.78 -9.69 1.19
C PHE A 272 3.35 -10.13 1.55
N GLU A 273 2.45 -9.16 1.72
CA GLU A 273 1.10 -9.49 2.19
C GLU A 273 0.03 -9.53 1.09
N ASP A 274 -0.97 -8.68 1.18
CA ASP A 274 -2.20 -8.85 0.40
C ASP A 274 -2.10 -8.69 -1.12
N SER A 275 -0.97 -8.19 -1.63
CA SER A 275 -0.82 -8.10 -3.09
C SER A 275 -0.04 -9.25 -3.69
N VAL A 276 0.43 -10.19 -2.85
CA VAL A 276 1.12 -11.36 -3.38
C VAL A 276 0.48 -12.68 -2.98
N ALA A 277 0.83 -13.70 -3.74
CA ALA A 277 0.37 -15.06 -3.49
C ALA A 277 1.57 -15.93 -3.15
N ALA A 278 1.69 -16.29 -1.88
CA ALA A 278 2.85 -17.00 -1.39
C ALA A 278 2.42 -17.97 -0.31
N VAL A 279 2.38 -19.26 -0.64
CA VAL A 279 1.69 -20.21 0.22
C VAL A 279 2.61 -21.30 0.76
N ASP A 280 3.89 -21.23 0.40
CA ASP A 280 4.89 -22.21 0.80
C ASP A 280 6.30 -21.63 0.78
N ALA A 281 7.29 -22.48 1.09
CA ALA A 281 8.68 -22.06 1.19
C ALA A 281 9.21 -21.48 -0.12
N ALA A 282 8.89 -22.14 -1.24
CA ALA A 282 9.38 -21.70 -2.54
C ALA A 282 8.89 -20.28 -2.86
N ASP A 283 7.61 -20.03 -2.57
CA ASP A 283 7.07 -18.70 -2.81
C ASP A 283 7.73 -17.67 -1.89
N LYS A 284 7.93 -18.03 -0.62
CA LYS A 284 8.52 -17.09 0.33
C LYS A 284 9.94 -16.75 -0.10
N VAL A 285 10.70 -17.75 -0.53
CA VAL A 285 12.08 -17.55 -0.98
C VAL A 285 12.18 -16.62 -2.20
N LEU A 286 11.28 -16.79 -3.16
CA LEU A 286 11.20 -15.87 -4.31
C LEU A 286 11.04 -14.42 -3.86
N GLY A 287 10.12 -14.20 -2.91
CA GLY A 287 9.92 -12.89 -2.34
C GLY A 287 11.14 -12.39 -1.58
N TYR A 288 11.67 -13.21 -0.68
CA TYR A 288 12.85 -12.82 0.09
C TYR A 288 14.02 -12.49 -0.83
N ARG A 289 14.17 -13.26 -1.88
CA ARG A 289 15.27 -13.03 -2.83
C ARG A 289 15.14 -11.68 -3.56
N ASN A 290 13.92 -11.34 -3.97
CA ASN A 290 13.70 -10.03 -4.59
C ASN A 290 13.99 -8.91 -3.59
N TRP A 291 13.48 -9.05 -2.37
CA TRP A 291 13.75 -8.07 -1.31
C TRP A 291 15.26 -7.92 -1.08
N LEU A 292 15.99 -9.02 -1.23
CA LEU A 292 17.45 -9.01 -1.10
C LEU A 292 18.16 -8.24 -2.22
N GLY A 293 17.76 -8.50 -3.46
CA GLY A 293 18.33 -7.80 -4.61
C GLY A 293 18.07 -6.31 -4.55
N LEU A 294 16.96 -5.93 -3.92
CA LEU A 294 16.61 -4.53 -3.81
C LEU A 294 17.50 -3.85 -2.77
N ASN A 295 17.79 -4.56 -1.68
CA ASN A 295 18.56 -3.98 -0.61
C ASN A 295 20.04 -3.95 -0.93
N LYS A 296 20.51 -4.96 -1.67
CA LYS A 296 21.86 -4.95 -2.17
C LYS A 296 22.00 -3.96 -3.31
N GLY A 297 20.93 -3.80 -4.09
CA GLY A 297 20.93 -2.85 -5.19
C GLY A 297 21.39 -3.50 -6.49
N ASP A 298 21.29 -4.82 -6.57
CA ASP A 298 21.68 -5.52 -7.79
C ASP A 298 20.53 -6.28 -8.44
N LEU A 299 19.33 -6.15 -7.88
CA LEU A 299 18.17 -6.79 -8.50
C LEU A 299 18.04 -6.29 -9.93
N ALA A 300 18.00 -7.21 -10.87
CA ALA A 300 17.87 -6.85 -12.27
C ALA A 300 16.86 -7.77 -12.98
N ALA A 301 15.91 -7.18 -13.70
CA ALA A 301 14.87 -7.96 -14.36
C ALA A 301 15.02 -8.01 -15.87
N ALA A 302 14.80 -9.19 -16.45
CA ALA A 302 14.91 -9.36 -17.89
C ALA A 302 13.59 -9.07 -18.60
N VAL A 303 13.58 -8.03 -19.42
CA VAL A 303 12.68 -7.99 -20.57
C VAL A 303 13.56 -8.48 -21.73
N ASP A 304 14.13 -7.55 -22.49
CA ASP A 304 15.00 -7.95 -23.60
C ASP A 304 16.45 -7.51 -23.45
N ARG A 312 15.79 -2.17 -16.77
CA ARG A 312 16.00 -3.50 -16.19
C ARG A 312 16.81 -3.44 -14.90
N VAL A 313 17.39 -2.27 -14.63
CA VAL A 313 18.23 -2.08 -13.45
C VAL A 313 17.73 -0.94 -12.55
N LEU A 314 18.13 -0.98 -11.27
CA LEU A 314 17.84 0.11 -10.35
C LEU A 314 18.52 1.40 -10.83
N ASN A 315 17.84 2.53 -10.66
CA ASN A 315 18.39 3.83 -11.05
C ASN A 315 19.50 4.36 -10.14
N ARG A 316 20.48 5.01 -10.73
CA ARG A 316 21.53 5.66 -9.96
C ARG A 316 21.02 7.01 -9.44
N ASP A 317 21.79 7.64 -8.56
CA ASP A 317 21.38 8.93 -8.02
C ASP A 317 21.51 10.04 -9.07
N ARG A 318 20.88 11.19 -8.79
CA ARG A 318 20.86 12.30 -9.74
C ARG A 318 21.78 13.43 -9.28
N ASN A 319 22.60 13.94 -10.20
CA ASN A 319 23.61 14.96 -9.89
C ASN A 319 23.24 16.36 -10.36
N TYR A 320 23.29 17.33 -9.45
CA TYR A 320 22.97 18.72 -9.79
C TYR A 320 24.02 19.71 -9.33
N THR A 321 23.96 20.91 -9.88
CA THR A 321 24.75 22.04 -9.43
C THR A 321 23.85 22.97 -8.60
N ALA A 322 24.27 23.26 -7.37
CA ALA A 322 23.48 24.11 -6.48
C ALA A 322 23.41 25.51 -7.07
N PRO A 323 22.36 26.29 -6.72
CA PRO A 323 22.21 27.64 -7.28
C PRO A 323 23.44 28.53 -7.07
N GLY A 324 24.10 28.40 -5.93
CA GLY A 324 25.24 29.26 -5.62
C GLY A 324 26.58 28.65 -5.97
N GLY A 325 26.56 27.51 -6.66
CA GLY A 325 27.78 26.80 -6.99
C GLY A 325 27.98 25.61 -6.07
N GLY A 326 28.68 24.60 -6.56
CA GLY A 326 28.88 23.38 -5.79
C GLY A 326 27.99 22.27 -6.28
N GLN A 327 28.53 21.04 -6.29
CA GLN A 327 27.76 19.88 -6.74
C GLN A 327 27.02 19.21 -5.60
N PHE A 328 25.82 18.70 -5.89
CA PHE A 328 25.10 17.89 -4.91
C PHE A 328 24.33 16.78 -5.60
N THR A 329 23.77 15.89 -4.78
CA THR A 329 23.17 14.67 -5.30
C THR A 329 21.82 14.46 -4.62
N LEU A 330 20.85 13.93 -5.37
CA LEU A 330 19.54 13.61 -4.82
C LEU A 330 19.27 12.13 -5.09
N PRO A 331 18.52 11.47 -4.19
CA PRO A 331 18.27 10.03 -4.36
C PRO A 331 17.54 9.74 -5.66
N GLY A 332 17.94 8.70 -6.37
CA GLY A 332 17.25 8.30 -7.59
C GLY A 332 16.20 7.25 -7.33
N ARG A 333 16.10 6.80 -6.08
CA ARG A 333 15.24 5.67 -5.74
C ARG A 333 14.24 5.98 -4.65
N SER A 334 13.08 5.34 -4.72
CA SER A 334 12.09 5.48 -3.68
C SER A 334 12.68 4.86 -2.41
N LEU A 335 12.48 5.50 -1.26
CA LEU A 335 12.89 4.89 0.01
C LEU A 335 12.00 3.68 0.28
N MET A 336 12.60 2.53 0.57
CA MET A 336 11.80 1.30 0.65
C MET A 336 11.38 0.90 2.06
N PHE A 337 10.07 0.71 2.25
CA PHE A 337 9.53 -0.05 3.39
C PHE A 337 9.35 -1.50 2.92
N VAL A 338 9.18 -2.42 3.87
CA VAL A 338 8.68 -3.76 3.53
C VAL A 338 7.39 -4.00 4.34
N ARG A 339 6.35 -4.57 3.71
CA ARG A 339 5.16 -4.96 4.46
C ARG A 339 5.18 -6.47 4.76
N ASN A 340 5.40 -6.82 6.02
CA ASN A 340 5.40 -8.21 6.49
C ASN A 340 3.95 -8.69 6.56
N VAL A 341 3.71 -9.99 6.68
CA VAL A 341 2.35 -10.43 6.95
C VAL A 341 2.01 -10.18 8.43
N GLY A 342 0.72 -10.23 8.75
CA GLY A 342 0.25 -9.96 10.10
C GLY A 342 0.31 -11.20 10.98
N HIS A 343 -0.39 -11.17 12.11
CA HIS A 343 -0.22 -12.21 13.13
C HIS A 343 -0.90 -13.56 12.86
N LEU A 344 -1.72 -13.65 11.82
CA LEU A 344 -2.63 -14.81 11.70
C LEU A 344 -2.01 -16.10 11.16
N MET A 345 -1.41 -16.03 9.98
CA MET A 345 -1.10 -17.26 9.25
C MET A 345 0.18 -17.96 9.69
N THR A 346 0.23 -19.25 9.41
CA THR A 346 1.45 -20.02 9.55
C THR A 346 1.87 -20.37 8.14
N ASN A 347 3.10 -20.80 7.96
CA ASN A 347 3.60 -21.16 6.65
C ASN A 347 4.54 -22.35 6.78
N ASP A 348 4.53 -23.26 5.81
CA ASP A 348 5.27 -24.51 5.95
C ASP A 348 6.77 -24.36 5.72
N ALA A 349 7.21 -23.14 5.45
CA ALA A 349 8.63 -22.84 5.27
C ALA A 349 9.43 -23.38 6.44
N ILE A 350 8.84 -23.30 7.63
CA ILE A 350 9.37 -23.95 8.81
C ILE A 350 8.24 -24.67 9.52
N VAL A 351 8.51 -25.89 9.97
CA VAL A 351 7.59 -26.61 10.85
C VAL A 351 8.34 -27.03 12.12
N ASP A 352 7.62 -27.29 13.21
CA ASP A 352 8.29 -27.81 14.41
C ASP A 352 8.35 -29.34 14.36
N THR A 353 8.86 -29.94 15.43
CA THR A 353 8.99 -31.39 15.53
C THR A 353 7.67 -32.12 15.32
N ASP A 354 6.58 -31.53 15.81
CA ASP A 354 5.26 -32.18 15.75
C ASP A 354 4.59 -31.98 14.39
N GLY A 355 5.25 -31.28 13.49
CA GLY A 355 4.70 -31.00 12.17
C GLY A 355 3.90 -29.71 12.07
N SER A 356 3.79 -28.97 13.17
CA SER A 356 3.04 -27.71 13.18
C SER A 356 3.80 -26.63 12.43
N GLU A 357 3.11 -25.89 11.58
CA GLU A 357 3.74 -24.80 10.83
C GLU A 357 4.09 -23.61 11.74
N VAL A 358 5.12 -22.88 11.36
CA VAL A 358 5.57 -21.73 12.16
C VAL A 358 4.85 -20.45 11.74
N PHE A 359 4.58 -19.56 12.69
CA PHE A 359 3.92 -18.30 12.40
C PHE A 359 4.68 -17.50 11.36
N GLU A 360 3.99 -17.09 10.30
CA GLU A 360 4.62 -16.44 9.16
C GLU A 360 5.11 -15.02 9.48
N GLY A 361 4.34 -14.29 10.28
CA GLY A 361 4.72 -12.94 10.68
C GLY A 361 6.04 -12.94 11.46
N ILE A 362 6.20 -13.93 12.33
CA ILE A 362 7.43 -14.08 13.10
C ILE A 362 8.59 -14.32 12.16
N MET A 363 8.42 -15.26 11.22
CA MET A 363 9.43 -15.51 10.20
C MET A 363 9.73 -14.27 9.36
N ASP A 364 8.69 -13.55 8.94
CA ASP A 364 8.93 -12.37 8.11
C ASP A 364 9.82 -11.36 8.85
N ALA A 365 9.56 -11.15 10.14
CA ALA A 365 10.35 -10.19 10.91
C ALA A 365 11.83 -10.54 10.87
N LEU A 366 12.12 -11.82 11.13
CA LEU A 366 13.49 -12.36 11.11
C LEU A 366 14.18 -12.24 9.75
N PHE A 367 13.51 -12.69 8.71
CA PHE A 367 14.15 -12.79 7.40
C PHE A 367 14.18 -11.45 6.66
N THR A 368 13.07 -10.70 6.68
CA THR A 368 13.09 -9.39 6.02
C THR A 368 13.99 -8.41 6.80
N GLY A 369 14.00 -8.53 8.13
CA GLY A 369 14.91 -7.73 8.93
C GLY A 369 16.37 -8.06 8.65
N LEU A 370 16.68 -9.36 8.56
CA LEU A 370 18.04 -9.78 8.24
C LEU A 370 18.48 -9.19 6.90
N ILE A 371 17.61 -9.34 5.91
CA ILE A 371 17.92 -8.91 4.56
C ILE A 371 18.07 -7.38 4.47
N ALA A 372 17.30 -6.67 5.27
CA ALA A 372 17.33 -5.20 5.23
C ALA A 372 18.66 -4.60 5.70
N ILE A 373 19.47 -5.40 6.39
CA ILE A 373 20.79 -4.94 6.81
C ILE A 373 21.59 -4.50 5.58
N HIS A 374 21.45 -5.24 4.48
CA HIS A 374 22.19 -4.93 3.27
C HIS A 374 21.89 -3.53 2.74
N GLY A 375 20.65 -3.09 2.92
CA GLY A 375 20.24 -1.79 2.43
C GLY A 375 20.77 -0.62 3.25
N LEU A 376 21.49 -0.95 4.32
CA LEU A 376 22.11 0.07 5.16
C LEU A 376 23.58 0.28 4.77
N LYS A 377 24.00 -0.33 3.67
CA LYS A 377 25.37 -0.14 3.17
C LYS A 377 25.49 -0.39 1.67
N ALA A 378 26.69 -0.23 1.14
CA ALA A 378 26.99 -0.51 -0.27
C ALA A 378 28.41 -1.05 -0.45
N SER A 379 28.54 -2.25 -1.02
CA SER A 379 29.86 -2.85 -1.21
C SER A 379 29.94 -3.86 -2.36
N ASP A 380 31.07 -4.55 -2.41
CA ASP A 380 31.30 -5.62 -3.36
C ASP A 380 30.36 -6.78 -3.06
N VAL A 381 30.47 -7.32 -1.85
CA VAL A 381 29.62 -8.41 -1.39
C VAL A 381 28.19 -7.93 -1.08
N ASN A 382 28.02 -6.62 -0.93
CA ASN A 382 26.73 -6.07 -0.53
C ASN A 382 25.93 -5.38 -1.63
N GLY A 383 26.49 -5.29 -2.82
CA GLY A 383 25.88 -4.49 -3.88
C GLY A 383 26.08 -2.99 -3.65
N PRO A 384 25.97 -2.20 -4.72
CA PRO A 384 26.36 -0.78 -4.71
C PRO A 384 25.23 0.22 -4.41
N LEU A 385 24.24 -0.12 -3.60
CA LEU A 385 23.10 0.80 -3.37
C LEU A 385 22.56 0.85 -1.92
N ILE A 386 22.22 2.06 -1.45
CA ILE A 386 21.75 2.28 -0.08
C ILE A 386 20.24 2.63 0.00
N ASN A 387 19.58 2.22 1.09
CA ASN A 387 18.18 2.54 1.32
C ASN A 387 17.93 3.59 2.41
N SER A 388 18.44 3.35 3.61
CA SER A 388 18.28 4.31 4.70
C SER A 388 19.61 4.93 5.12
N ARG A 389 19.70 6.25 5.06
CA ARG A 389 20.95 6.91 5.39
C ARG A 389 21.03 7.20 6.89
N THR A 390 19.90 7.04 7.59
CA THR A 390 19.86 7.24 9.03
C THR A 390 19.98 5.94 9.84
N GLY A 391 20.07 4.80 9.15
CA GLY A 391 20.29 3.52 9.82
C GLY A 391 19.04 2.79 10.28
N SER A 392 17.91 3.14 9.67
CA SER A 392 16.62 2.55 10.06
C SER A 392 16.14 1.46 9.08
N ILE A 393 15.32 0.54 9.60
CA ILE A 393 14.64 -0.46 8.76
C ILE A 393 13.12 -0.28 8.94
N TYR A 394 12.38 -0.18 7.83
CA TYR A 394 10.97 0.22 7.90
C TYR A 394 9.99 -0.89 7.56
N ILE A 395 9.26 -1.35 8.57
CA ILE A 395 8.34 -2.47 8.38
C ILE A 395 6.88 -2.09 8.62
N VAL A 396 6.06 -2.19 7.59
CA VAL A 396 4.61 -2.01 7.77
C VAL A 396 4.02 -3.33 8.27
N LYS A 397 3.19 -3.23 9.31
CA LYS A 397 2.57 -4.41 9.91
C LYS A 397 1.05 -4.31 9.77
N PRO A 398 0.45 -5.19 8.96
CA PRO A 398 -0.98 -5.14 8.65
C PRO A 398 -1.83 -5.90 9.66
N LYS A 399 -3.14 -5.65 9.64
CA LYS A 399 -4.13 -6.52 10.27
C LYS A 399 -4.00 -6.73 11.78
N MET A 400 -3.40 -5.78 12.49
CA MET A 400 -3.36 -5.85 13.95
C MET A 400 -4.65 -5.37 14.60
N HIS A 401 -5.05 -6.07 15.67
CA HIS A 401 -6.25 -5.74 16.43
C HIS A 401 -5.90 -5.26 17.83
N GLY A 402 -5.81 -3.94 18.03
CA GLY A 402 -5.61 -3.38 19.36
C GLY A 402 -4.17 -3.27 19.83
N PRO A 403 -3.95 -2.57 20.96
CA PRO A 403 -2.60 -2.22 21.41
C PRO A 403 -1.78 -3.39 21.93
N ALA A 404 -2.41 -4.44 22.43
CA ALA A 404 -1.62 -5.59 22.87
C ALA A 404 -0.92 -6.23 21.68
N GLU A 405 -1.60 -6.24 20.52
CA GLU A 405 -0.99 -6.81 19.32
C GLU A 405 0.09 -5.91 18.75
N VAL A 406 -0.05 -4.62 18.97
CA VAL A 406 0.99 -3.69 18.56
C VAL A 406 2.21 -3.88 19.46
N ALA A 407 2.00 -4.01 20.77
CA ALA A 407 3.11 -4.23 21.70
C ALA A 407 3.81 -5.55 21.41
N PHE A 408 3.03 -6.56 21.05
CA PHE A 408 3.63 -7.84 20.67
C PHE A 408 4.51 -7.70 19.44
N THR A 409 4.08 -6.92 18.46
CA THR A 409 4.92 -6.73 17.29
C THR A 409 6.22 -6.01 17.67
N CYS A 410 6.11 -5.01 18.54
CA CYS A 410 7.31 -4.29 18.98
C CYS A 410 8.26 -5.21 19.72
N GLU A 411 7.71 -6.08 20.58
CA GLU A 411 8.57 -7.03 21.28
C GLU A 411 9.26 -7.98 20.30
N LEU A 412 8.54 -8.39 19.26
CA LEU A 412 9.12 -9.25 18.22
C LEU A 412 10.30 -8.59 17.50
N PHE A 413 10.15 -7.32 17.16
CA PHE A 413 11.21 -6.57 16.49
C PHE A 413 12.43 -6.42 17.41
N SER A 414 12.18 -6.16 18.69
CA SER A 414 13.26 -6.07 19.69
C SER A 414 14.05 -7.38 19.79
N ARG A 415 13.33 -8.50 19.85
CA ARG A 415 14.02 -9.79 19.87
C ARG A 415 14.76 -10.07 18.57
N VAL A 416 14.21 -9.62 17.44
CA VAL A 416 14.90 -9.81 16.17
C VAL A 416 16.17 -8.96 16.08
N GLU A 417 16.11 -7.73 16.57
CA GLU A 417 17.27 -6.84 16.57
C GLU A 417 18.40 -7.49 17.37
N ASP A 418 18.01 -8.16 18.45
CA ASP A 418 18.94 -8.85 19.33
C ASP A 418 19.66 -9.96 18.58
N VAL A 419 18.90 -10.79 17.88
CA VAL A 419 19.47 -11.89 17.08
C VAL A 419 20.39 -11.36 15.99
N LEU A 420 20.00 -10.25 15.39
CA LEU A 420 20.74 -9.65 14.27
C LEU A 420 21.91 -8.79 14.76
N GLY A 421 21.95 -8.50 16.06
CA GLY A 421 22.96 -7.61 16.61
C GLY A 421 22.74 -6.16 16.24
N LEU A 422 21.48 -5.76 16.08
CA LEU A 422 21.16 -4.39 15.69
C LEU A 422 20.84 -3.55 16.92
N PRO A 423 21.07 -2.23 16.83
CA PRO A 423 20.64 -1.36 17.91
C PRO A 423 19.15 -1.53 18.16
N GLN A 424 18.71 -1.46 19.42
CA GLN A 424 17.28 -1.53 19.69
C GLN A 424 16.59 -0.39 18.96
N ASN A 425 15.37 -0.64 18.47
CA ASN A 425 14.58 0.35 17.74
C ASN A 425 15.09 0.69 16.32
N THR A 426 15.96 -0.15 15.77
CA THR A 426 16.35 -0.02 14.37
C THR A 426 15.13 -0.30 13.50
N MET A 427 14.42 -1.38 13.82
CA MET A 427 13.23 -1.78 13.07
C MET A 427 12.02 -0.93 13.44
N LYS A 428 11.72 0.02 12.56
CA LYS A 428 10.60 0.92 12.77
C LYS A 428 9.32 0.27 12.28
N ILE A 429 8.17 0.70 12.79
CA ILE A 429 6.92 0.05 12.44
C ILE A 429 5.92 1.03 11.84
N GLY A 430 5.23 0.61 10.79
CA GLY A 430 4.07 1.34 10.31
C GLY A 430 2.82 0.61 10.76
N ILE A 431 1.97 1.29 11.54
CA ILE A 431 0.74 0.67 12.01
C ILE A 431 -0.40 0.90 11.02
N MET A 432 -0.80 -0.16 10.32
CA MET A 432 -2.01 -0.07 9.53
C MET A 432 -3.24 -0.08 10.44
N ASP A 433 -4.08 0.94 10.26
CA ASP A 433 -5.36 1.04 10.96
C ASP A 433 -6.39 0.48 9.99
N GLU A 434 -6.62 -0.84 10.05
CA GLU A 434 -7.54 -1.48 9.11
C GLU A 434 -8.40 -2.55 9.81
N GLU A 435 -8.43 -2.48 11.14
CA GLU A 435 -9.26 -3.36 11.94
C GLU A 435 -9.96 -2.50 12.97
N ARG A 436 -11.22 -2.80 13.23
CA ARG A 436 -12.06 -1.99 14.10
C ARG A 436 -11.49 -1.80 15.51
N ARG A 437 -10.93 -2.87 16.08
CA ARG A 437 -10.39 -2.82 17.44
C ARG A 437 -9.09 -2.00 17.55
N THR A 438 -8.44 -1.79 16.42
CA THR A 438 -7.34 -0.83 16.37
C THR A 438 -7.91 0.59 16.25
N THR A 439 -8.85 0.78 15.33
CA THR A 439 -9.48 2.11 15.14
C THR A 439 -9.95 2.74 16.45
N VAL A 440 -10.71 1.99 17.26
CA VAL A 440 -11.30 2.57 18.47
C VAL A 440 -10.32 2.65 19.65
N ASN A 441 -9.15 2.02 19.48
CA ASN A 441 -8.09 2.04 20.49
C ASN A 441 -6.77 2.60 19.94
N LEU A 442 -6.89 3.48 18.93
CA LEU A 442 -5.74 3.91 18.12
C LEU A 442 -4.67 4.68 18.87
N LYS A 443 -5.06 5.58 19.77
CA LYS A 443 -4.10 6.31 20.60
C LYS A 443 -3.28 5.32 21.40
N ALA A 444 -3.97 4.35 22.00
CA ALA A 444 -3.27 3.29 22.73
C ALA A 444 -2.32 2.50 21.84
N CYS A 445 -2.74 2.23 20.59
CA CYS A 445 -1.87 1.48 19.67
C CYS A 445 -0.61 2.25 19.32
N ILE A 446 -0.76 3.56 19.09
CA ILE A 446 0.39 4.39 18.77
C ILE A 446 1.36 4.45 19.96
N LYS A 447 0.81 4.53 21.17
CA LYS A 447 1.62 4.62 22.38
C LYS A 447 2.42 3.36 22.59
N ALA A 448 1.79 2.22 22.29
CA ALA A 448 2.47 0.95 22.41
C ALA A 448 3.72 0.92 21.53
N ALA A 449 3.73 1.75 20.50
CA ALA A 449 4.84 1.80 19.55
C ALA A 449 5.50 3.17 19.53
N ALA A 450 5.39 3.91 20.62
CA ALA A 450 5.82 5.32 20.66
C ALA A 450 7.28 5.59 20.25
N ASP A 451 8.17 4.61 20.46
CA ASP A 451 9.58 4.79 20.10
C ASP A 451 9.94 4.11 18.76
N ARG A 452 8.95 3.52 18.08
CA ARG A 452 9.21 2.87 16.80
C ARG A 452 8.35 3.38 15.63
N VAL A 453 7.17 3.93 15.93
CA VAL A 453 6.19 4.23 14.88
C VAL A 453 6.62 5.34 13.92
N VAL A 454 6.52 5.06 12.62
CA VAL A 454 6.87 6.02 11.57
C VAL A 454 5.72 6.22 10.58
N PHE A 455 4.57 5.60 10.84
CA PHE A 455 3.52 5.49 9.84
C PHE A 455 2.22 4.97 10.45
N ILE A 456 1.09 5.62 10.15
CA ILE A 456 -0.22 5.00 10.29
C ILE A 456 -0.97 5.24 8.98
N ASN A 457 -1.97 4.42 8.70
CA ASN A 457 -2.80 4.67 7.51
C ASN A 457 -4.17 4.03 7.60
N THR A 458 -5.04 4.42 6.67
CA THR A 458 -6.38 3.88 6.57
C THR A 458 -6.58 3.32 5.17
N GLY A 459 -7.66 2.59 4.97
CA GLY A 459 -8.01 2.10 3.65
C GLY A 459 -9.40 1.50 3.65
N PHE A 460 -10.02 1.39 2.49
CA PHE A 460 -11.40 0.94 2.42
C PHE A 460 -11.62 -0.55 2.72
N LEU A 461 -10.86 -1.42 2.06
CA LEU A 461 -11.27 -2.82 1.94
C LEU A 461 -11.22 -3.68 3.22
N ASP A 462 -10.05 -3.79 3.83
CA ASP A 462 -9.91 -4.66 5.01
C ASP A 462 -10.79 -4.15 6.14
N ARG A 463 -10.73 -2.85 6.37
CA ARG A 463 -11.44 -2.23 7.50
C ARG A 463 -12.96 -2.42 7.38
N THR A 464 -13.46 -2.39 6.16
CA THR A 464 -14.89 -2.61 5.95
C THR A 464 -15.19 -4.12 6.14
N GLY A 465 -14.27 -4.96 5.70
CA GLY A 465 -14.40 -6.39 5.94
C GLY A 465 -14.52 -6.68 7.43
N ASP A 466 -13.68 -6.03 8.22
CA ASP A 466 -13.74 -6.25 9.67
C ASP A 466 -15.02 -5.69 10.28
N GLU A 467 -15.49 -4.59 9.71
CA GLU A 467 -16.70 -3.94 10.20
C GLU A 467 -17.88 -4.89 10.06
N ILE A 468 -17.99 -5.48 8.87
CA ILE A 468 -19.06 -6.44 8.56
C ILE A 468 -18.94 -7.67 9.46
N HIS A 469 -17.74 -8.22 9.58
CA HIS A 469 -17.62 -9.44 10.36
C HIS A 469 -17.91 -9.23 11.83
N THR A 470 -17.43 -8.10 12.37
CA THR A 470 -17.61 -7.81 13.79
C THR A 470 -19.07 -7.76 14.17
N SER A 471 -19.86 -7.06 13.37
CA SER A 471 -21.30 -6.92 13.61
C SER A 471 -22.15 -7.86 12.76
N MET A 472 -21.55 -8.96 12.30
CA MET A 472 -22.25 -9.94 11.48
C MET A 472 -23.64 -10.28 11.99
N GLU A 473 -23.76 -10.52 13.30
CA GLU A 473 -25.03 -10.95 13.89
C GLU A 473 -26.02 -9.81 14.14
N ALA A 474 -25.59 -8.56 13.95
CA ALA A 474 -26.48 -7.42 14.22
C ALA A 474 -27.59 -7.26 13.20
N GLY A 475 -27.35 -7.65 11.95
CA GLY A 475 -28.37 -7.48 10.92
C GLY A 475 -27.78 -7.39 9.52
N PRO A 476 -28.63 -7.21 8.50
CA PRO A 476 -28.11 -7.06 7.14
C PRO A 476 -27.39 -5.72 7.01
N MET A 477 -26.23 -5.71 6.36
CA MET A 477 -25.45 -4.48 6.16
C MET A 477 -25.82 -3.78 4.87
N VAL A 478 -25.48 -2.49 4.77
CA VAL A 478 -25.71 -1.75 3.52
C VAL A 478 -24.78 -2.30 2.45
N ARG A 479 -25.02 -1.91 1.20
CA ARG A 479 -24.25 -2.39 0.08
C ARG A 479 -22.79 -1.93 0.16
N LYS A 480 -21.90 -2.69 -0.49
CA LYS A 480 -20.47 -2.38 -0.51
C LYS A 480 -20.16 -0.95 -0.97
N GLY A 481 -20.83 -0.50 -2.03
CA GLY A 481 -20.64 0.87 -2.53
C GLY A 481 -21.13 1.92 -1.55
N THR A 482 -22.20 1.59 -0.84
CA THR A 482 -22.75 2.49 0.15
C THR A 482 -21.78 2.64 1.32
N MET A 483 -21.00 1.60 1.61
CA MET A 483 -20.08 1.58 2.74
C MET A 483 -19.07 2.73 2.73
N LYS A 484 -18.66 3.16 1.54
CA LYS A 484 -17.66 4.21 1.39
C LYS A 484 -18.09 5.56 1.96
N SER A 485 -19.39 5.75 2.14
CA SER A 485 -19.89 7.02 2.68
C SER A 485 -20.62 6.84 4.00
N GLN A 486 -20.48 5.68 4.65
CA GLN A 486 -21.15 5.47 5.93
C GLN A 486 -20.52 6.30 7.05
N PRO A 487 -21.34 6.75 8.02
CA PRO A 487 -20.78 7.50 9.16
C PRO A 487 -19.56 6.85 9.86
N TRP A 488 -19.57 5.52 10.03
CA TRP A 488 -18.45 4.88 10.71
C TRP A 488 -17.12 5.12 9.99
N ILE A 489 -17.14 5.10 8.66
CA ILE A 489 -15.91 5.16 7.88
C ILE A 489 -15.37 6.58 7.75
N LEU A 490 -16.27 7.56 7.64
CA LEU A 490 -15.84 8.96 7.60
C LEU A 490 -15.25 9.35 8.95
N ALA A 491 -15.84 8.84 10.02
CA ALA A 491 -15.30 9.08 11.36
C ALA A 491 -13.95 8.36 11.52
N TYR A 492 -13.86 7.17 10.92
CA TYR A 492 -12.63 6.40 10.94
C TYR A 492 -11.49 7.15 10.25
N GLU A 493 -11.77 7.74 9.08
CA GLU A 493 -10.74 8.46 8.33
C GLU A 493 -10.20 9.65 9.12
N ASP A 494 -11.12 10.50 9.60
CA ASP A 494 -10.75 11.67 10.38
C ASP A 494 -10.09 11.30 11.71
N HIS A 495 -10.64 10.31 12.41
CA HIS A 495 -10.09 9.88 13.69
C HIS A 495 -8.65 9.41 13.58
N ASN A 496 -8.29 8.87 12.41
CA ASN A 496 -6.93 8.39 12.19
C ASN A 496 -5.97 9.57 12.10
N VAL A 497 -6.35 10.57 11.30
CA VAL A 497 -5.58 11.79 11.21
C VAL A 497 -5.50 12.48 12.58
N ASP A 498 -6.64 12.65 13.25
CA ASP A 498 -6.64 13.25 14.58
C ASP A 498 -5.63 12.58 15.52
N ALA A 499 -5.64 11.25 15.57
CA ALA A 499 -4.78 10.53 16.50
C ALA A 499 -3.30 10.74 16.21
N GLY A 500 -2.94 10.65 14.92
CA GLY A 500 -1.54 10.80 14.52
C GLY A 500 -1.02 12.19 14.86
N LEU A 501 -1.77 13.21 14.48
CA LEU A 501 -1.38 14.60 14.72
C LEU A 501 -1.22 14.86 16.22
N ALA A 502 -2.21 14.40 17.00
CA ALA A 502 -2.17 14.52 18.46
C ALA A 502 -0.94 13.84 19.07
N ALA A 503 -0.45 12.80 18.40
CA ALA A 503 0.73 12.08 18.85
C ALA A 503 2.00 12.76 18.29
N GLY A 504 1.80 13.86 17.57
CA GLY A 504 2.91 14.62 17.04
C GLY A 504 3.53 14.04 15.77
N PHE A 505 2.68 13.46 14.91
CA PHE A 505 3.16 12.89 13.64
C PHE A 505 3.68 13.94 12.64
N SER A 506 3.09 15.13 12.66
CA SER A 506 3.52 16.19 11.75
C SER A 506 5.00 16.49 12.00
N GLY A 507 5.80 16.39 10.94
CA GLY A 507 7.24 16.55 11.06
C GLY A 507 7.99 15.31 11.54
N ARG A 508 7.28 14.21 11.78
CA ARG A 508 7.91 13.01 12.38
C ARG A 508 7.55 11.67 11.71
N ALA A 509 6.28 11.50 11.35
CA ALA A 509 5.82 10.21 10.85
C ALA A 509 4.69 10.39 9.84
N GLN A 510 4.54 9.42 8.94
CA GLN A 510 3.53 9.52 7.91
C GLN A 510 2.11 9.28 8.42
N VAL A 511 1.16 10.04 7.87
CA VAL A 511 -0.25 9.77 8.05
C VAL A 511 -0.82 9.46 6.67
N GLY A 512 -1.16 8.20 6.41
CA GLY A 512 -1.52 7.76 5.07
C GLY A 512 -3.00 7.50 4.84
N LYS A 513 -3.44 7.63 3.60
CA LYS A 513 -4.78 7.18 3.20
C LYS A 513 -4.74 6.18 2.04
N GLY A 514 -5.89 5.62 1.67
CA GLY A 514 -5.91 4.39 0.89
C GLY A 514 -5.67 4.44 -0.62
N MET A 515 -5.75 3.27 -1.25
CA MET A 515 -5.41 3.12 -2.67
C MET A 515 -6.48 3.65 -3.62
N TRP A 516 -6.04 4.37 -4.64
CA TRP A 516 -6.89 4.63 -5.80
C TRP A 516 -6.82 3.40 -6.70
N THR A 517 -7.94 2.71 -6.85
CA THR A 517 -7.97 1.40 -7.48
C THR A 517 -8.26 1.46 -8.99
N MET A 518 -8.87 2.53 -9.44
CA MET A 518 -9.29 2.60 -10.84
C MET A 518 -8.16 3.05 -11.75
N THR A 519 -7.35 2.09 -12.19
CA THR A 519 -6.08 2.37 -12.85
C THR A 519 -6.15 3.19 -14.13
N GLU A 520 -7.26 3.11 -14.85
CA GLU A 520 -7.36 3.82 -16.12
C GLU A 520 -8.06 5.17 -15.96
N LEU A 521 -8.66 5.41 -14.80
CA LEU A 521 -9.41 6.62 -14.56
C LEU A 521 -8.52 7.67 -13.89
N MET A 522 -7.57 8.19 -14.66
CA MET A 522 -6.58 9.10 -14.12
C MET A 522 -7.10 10.53 -14.07
N ALA A 523 -7.97 10.87 -15.00
CA ALA A 523 -8.67 12.15 -14.94
C ALA A 523 -9.45 12.22 -13.63
N ASP A 524 -10.16 11.14 -13.34
CA ASP A 524 -10.93 11.07 -12.10
C ASP A 524 -10.04 11.10 -10.86
N MET A 525 -8.90 10.40 -10.89
CA MET A 525 -7.96 10.46 -9.77
C MET A 525 -7.46 11.88 -9.52
N VAL A 526 -6.99 12.53 -10.58
CA VAL A 526 -6.49 13.90 -10.45
C VAL A 526 -7.57 14.85 -9.93
N GLU A 527 -8.80 14.65 -10.38
CA GLU A 527 -9.92 15.47 -9.95
C GLU A 527 -10.29 15.26 -8.48
N THR A 528 -10.34 14.00 -8.03
CA THR A 528 -10.86 13.73 -6.69
C THR A 528 -9.85 13.37 -5.58
N LYS A 529 -8.72 12.76 -5.94
CA LYS A 529 -7.79 12.24 -4.90
C LYS A 529 -7.13 13.36 -4.09
N ILE A 530 -7.33 14.61 -4.50
CA ILE A 530 -6.82 15.78 -3.78
C ILE A 530 -7.42 15.88 -2.38
N ALA A 531 -8.60 15.28 -2.21
CA ALA A 531 -9.26 15.23 -0.91
C ALA A 531 -8.35 14.65 0.20
N GLN A 532 -7.43 13.77 -0.16
CA GLN A 532 -6.62 13.12 0.87
C GLN A 532 -5.58 14.05 1.51
N PRO A 533 -4.71 14.69 0.70
CA PRO A 533 -3.83 15.67 1.36
C PRO A 533 -4.63 16.82 1.97
N ARG A 534 -5.77 17.17 1.39
CA ARG A 534 -6.61 18.22 1.98
C ARG A 534 -7.12 17.83 3.35
N ALA A 535 -7.14 16.53 3.62
CA ALA A 535 -7.62 16.03 4.91
C ALA A 535 -6.45 15.81 5.85
N GLY A 536 -5.26 16.24 5.44
CA GLY A 536 -4.11 16.22 6.33
C GLY A 536 -3.24 14.98 6.27
N ALA A 537 -3.46 14.17 5.24
CA ALA A 537 -2.64 12.99 5.00
C ALA A 537 -1.33 13.37 4.34
N SER A 538 -0.21 12.94 4.92
CA SER A 538 1.10 13.24 4.36
C SER A 538 1.48 12.23 3.28
N THR A 539 0.68 11.18 3.15
CA THR A 539 0.88 10.23 2.04
C THR A 539 -0.41 9.51 1.68
N ALA A 540 -0.42 8.91 0.50
CA ALA A 540 -1.57 8.13 0.04
C ALA A 540 -1.15 7.17 -1.04
N TRP A 541 -1.92 6.09 -1.22
CA TRP A 541 -1.51 4.99 -2.08
C TRP A 541 -1.95 5.10 -3.53
N VAL A 542 -1.02 4.81 -4.44
CA VAL A 542 -1.28 4.87 -5.89
C VAL A 542 -0.97 3.52 -6.52
N PRO A 543 -1.68 3.17 -7.60
CA PRO A 543 -1.58 1.83 -8.20
C PRO A 543 -0.48 1.65 -9.25
N SER A 544 0.26 2.72 -9.57
CA SER A 544 1.29 2.62 -10.60
C SER A 544 2.22 3.83 -10.53
N PRO A 545 3.41 3.72 -11.14
CA PRO A 545 4.32 4.86 -11.29
C PRO A 545 3.66 6.03 -12.01
N THR A 546 2.84 5.77 -13.02
CA THR A 546 2.14 6.84 -13.72
C THR A 546 1.21 7.55 -12.75
N ALA A 547 0.53 6.77 -11.91
CA ALA A 547 -0.41 7.38 -10.98
C ALA A 547 0.33 8.14 -9.91
N ALA A 548 1.55 7.72 -9.59
CA ALA A 548 2.34 8.41 -8.57
C ALA A 548 2.69 9.82 -9.06
N THR A 549 3.13 9.90 -10.31
CA THR A 549 3.47 11.17 -10.94
C THR A 549 2.27 12.11 -10.93
N LEU A 550 1.11 11.57 -11.27
CA LEU A 550 -0.10 12.38 -11.36
C LEU A 550 -0.59 12.80 -9.98
N HIS A 551 -0.54 11.86 -9.03
CA HIS A 551 -0.96 12.15 -7.66
C HIS A 551 -0.04 13.20 -7.02
N ALA A 552 1.20 13.26 -7.50
CA ALA A 552 2.17 14.23 -6.99
C ALA A 552 1.68 15.65 -7.21
N LEU A 553 0.91 15.87 -8.28
CA LEU A 553 0.34 17.19 -8.54
C LEU A 553 -0.40 17.72 -7.31
N HIS A 554 -1.09 16.83 -6.61
CA HIS A 554 -1.90 17.23 -5.47
C HIS A 554 -1.08 17.84 -4.33
N TYR A 555 0.14 17.37 -4.16
CA TYR A 555 1.00 17.80 -3.07
C TYR A 555 1.65 19.13 -3.38
N HIS A 556 1.66 19.47 -4.66
CA HIS A 556 2.07 20.81 -5.07
C HIS A 556 0.95 21.81 -4.85
N GLN A 557 -0.29 21.40 -5.10
CA GLN A 557 -1.44 22.27 -4.91
C GLN A 557 -1.77 22.44 -3.43
N VAL A 558 -1.62 21.36 -2.67
CA VAL A 558 -1.97 21.39 -1.25
C VAL A 558 -0.73 21.45 -0.35
N ASP A 559 -0.71 22.39 0.59
CA ASP A 559 0.35 22.49 1.59
C ASP A 559 0.00 21.61 2.80
N VAL A 560 0.39 20.34 2.74
CA VAL A 560 0.04 19.38 3.80
C VAL A 560 0.53 19.78 5.19
N ALA A 561 1.76 20.26 5.29
CA ALA A 561 2.27 20.77 6.56
C ALA A 561 1.34 21.82 7.16
N ALA A 562 0.91 22.78 6.35
CA ALA A 562 -0.02 23.80 6.80
C ALA A 562 -1.37 23.20 7.18
N VAL A 563 -1.85 22.25 6.39
CA VAL A 563 -3.13 21.62 6.67
C VAL A 563 -3.06 20.93 8.04
N GLN A 564 -1.96 20.21 8.25
CA GLN A 564 -1.75 19.50 9.50
C GLN A 564 -1.70 20.47 10.69
N GLN A 565 -1.07 21.61 10.51
CA GLN A 565 -1.01 22.62 11.58
C GLN A 565 -2.39 23.13 11.96
N GLY A 566 -3.26 23.28 10.96
CA GLY A 566 -4.58 23.84 11.20
C GLY A 566 -5.54 22.87 11.89
N LEU A 567 -5.25 21.58 11.77
CA LEU A 567 -6.08 20.55 12.38
C LEU A 567 -5.64 20.20 13.80
N ALA A 568 -4.49 20.73 14.22
CA ALA A 568 -3.92 20.40 15.53
C ALA A 568 -4.92 20.62 16.66
N GLY A 569 -5.00 19.63 17.55
CA GLY A 569 -5.88 19.74 18.72
C GLY A 569 -7.36 19.52 18.46
N LYS A 570 -7.74 19.22 17.22
CA LYS A 570 -9.14 18.96 16.93
C LYS A 570 -9.54 17.52 17.24
N ARG A 571 -10.76 17.36 17.71
CA ARG A 571 -11.33 16.06 18.01
C ARG A 571 -12.56 15.93 17.12
N ARG A 572 -12.36 15.43 15.90
CA ARG A 572 -13.42 15.49 14.90
C ARG A 572 -14.30 14.24 14.83
N ALA A 573 -13.89 13.19 15.51
CA ALA A 573 -14.69 11.98 15.53
C ALA A 573 -14.98 11.56 16.97
N THR A 574 -16.25 11.27 17.25
CA THR A 574 -16.62 10.73 18.54
C THR A 574 -16.55 9.21 18.46
N ILE A 575 -16.40 8.57 19.61
CA ILE A 575 -16.42 7.11 19.67
C ILE A 575 -17.80 6.58 19.25
N GLU A 576 -18.87 7.35 19.50
CA GLU A 576 -20.22 6.93 19.08
C GLU A 576 -20.30 6.84 17.56
N GLN A 577 -19.71 7.82 16.89
CA GLN A 577 -19.63 7.83 15.42
C GLN A 577 -18.83 6.62 14.91
N LEU A 578 -17.74 6.30 15.58
CA LEU A 578 -16.86 5.20 15.16
C LEU A 578 -17.58 3.86 15.27
N LEU A 579 -18.52 3.80 16.19
CA LEU A 579 -19.23 2.56 16.53
C LEU A 579 -20.59 2.44 15.84
N THR A 580 -20.88 3.38 14.94
CA THR A 580 -22.17 3.33 14.23
C THR A 580 -22.15 2.20 13.19
N ILE A 581 -22.86 1.13 13.48
CA ILE A 581 -22.88 -0.07 12.63
C ILE A 581 -23.63 0.20 11.33
N PRO A 582 -23.04 -0.15 10.19
CA PRO A 582 -23.68 0.14 8.89
C PRO A 582 -24.84 -0.79 8.56
N LEU A 583 -25.83 -0.86 9.45
CA LEU A 583 -27.02 -1.69 9.23
C LEU A 583 -27.89 -1.06 8.16
N ALA A 584 -28.46 -1.88 7.28
CA ALA A 584 -29.41 -1.34 6.31
C ALA A 584 -30.71 -1.02 7.01
N LYS A 585 -31.42 0.00 6.55
CA LYS A 585 -32.73 0.33 7.09
C LYS A 585 -33.74 -0.64 6.48
N GLU A 586 -34.96 -0.67 7.01
CA GLU A 586 -36.00 -1.56 6.51
C GLU A 586 -36.32 -1.29 5.05
N LEU A 587 -36.45 -2.37 4.27
CA LEU A 587 -36.90 -2.28 2.87
C LEU A 587 -36.04 -1.35 2.03
N ALA A 588 -34.73 -1.41 2.20
CA ALA A 588 -33.83 -0.49 1.51
C ALA A 588 -33.70 -0.77 0.00
N TRP A 589 -34.05 -1.98 -0.42
CA TRP A 589 -33.69 -2.45 -1.77
C TRP A 589 -34.77 -3.10 -2.64
N ALA A 590 -34.86 -2.61 -3.88
CA ALA A 590 -35.55 -3.32 -4.96
C ALA A 590 -34.87 -4.66 -5.25
N PRO A 591 -35.63 -5.64 -5.74
CA PRO A 591 -35.08 -6.98 -6.04
C PRO A 591 -33.92 -6.95 -7.03
N ASP A 592 -34.01 -6.07 -8.04
CA ASP A 592 -32.97 -5.98 -9.06
C ASP A 592 -31.72 -5.28 -8.55
N GLU A 593 -31.89 -4.45 -7.53
CA GLU A 593 -30.76 -3.86 -6.82
C GLU A 593 -30.04 -4.95 -6.03
N ILE A 594 -30.80 -5.83 -5.40
CA ILE A 594 -30.22 -6.95 -4.67
C ILE A 594 -29.40 -7.85 -5.61
N ARG A 595 -30.00 -8.21 -6.74
CA ARG A 595 -29.32 -9.01 -7.76
C ARG A 595 -28.04 -8.35 -8.23
N GLU A 596 -28.09 -7.04 -8.46
CA GLU A 596 -26.93 -6.30 -8.93
C GLU A 596 -25.80 -6.43 -7.92
N GLU A 597 -26.12 -6.26 -6.65
CA GLU A 597 -25.09 -6.32 -5.60
C GLU A 597 -24.49 -7.72 -5.44
N VAL A 598 -25.33 -8.75 -5.53
CA VAL A 598 -24.84 -10.13 -5.48
C VAL A 598 -23.90 -10.43 -6.65
N ASP A 599 -24.33 -10.04 -7.86
CA ASP A 599 -23.50 -10.23 -9.04
C ASP A 599 -22.18 -9.47 -8.90
N ASN A 600 -22.27 -8.25 -8.41
CA ASN A 600 -21.09 -7.44 -8.18
C ASN A 600 -20.07 -8.16 -7.31
N ASN A 601 -20.53 -8.66 -6.16
CA ASN A 601 -19.63 -9.28 -5.19
C ASN A 601 -19.11 -10.64 -5.67
N CYS A 602 -19.97 -11.41 -6.33
CA CYS A 602 -19.54 -12.68 -6.89
C CYS A 602 -18.50 -12.48 -7.99
N GLN A 603 -18.66 -11.43 -8.77
CA GLN A 603 -17.71 -11.11 -9.84
C GLN A 603 -16.38 -10.65 -9.25
N SER A 604 -16.43 -9.79 -8.23
CA SER A 604 -15.21 -9.37 -7.53
C SER A 604 -14.40 -10.57 -7.06
N ILE A 605 -15.08 -11.52 -6.40
CA ILE A 605 -14.44 -12.71 -5.87
C ILE A 605 -13.89 -13.60 -6.97
N LEU A 606 -14.73 -13.95 -7.95
CA LEU A 606 -14.29 -14.82 -9.05
C LEU A 606 -13.14 -14.21 -9.85
N GLY A 607 -13.24 -12.93 -10.16
CA GLY A 607 -12.22 -12.26 -10.96
C GLY A 607 -10.86 -12.24 -10.30
N TYR A 608 -10.84 -12.01 -8.98
CA TYR A 608 -9.58 -12.00 -8.22
C TYR A 608 -9.09 -13.42 -7.90
N VAL A 609 -9.98 -14.28 -7.39
CA VAL A 609 -9.58 -15.64 -7.02
C VAL A 609 -9.02 -16.45 -8.19
N VAL A 610 -9.58 -16.27 -9.38
CA VAL A 610 -9.12 -17.09 -10.52
C VAL A 610 -7.66 -16.85 -10.86
N ARG A 611 -7.20 -15.60 -10.78
CA ARG A 611 -5.78 -15.33 -11.06
C ARG A 611 -4.89 -15.77 -9.90
N TRP A 612 -5.38 -15.61 -8.68
CA TRP A 612 -4.65 -15.98 -7.48
C TRP A 612 -4.42 -17.49 -7.44
N VAL A 613 -5.51 -18.24 -7.45
CA VAL A 613 -5.44 -19.70 -7.29
C VAL A 613 -4.71 -20.35 -8.45
N ASP A 614 -5.00 -19.91 -9.67
CA ASP A 614 -4.44 -20.57 -10.85
C ASP A 614 -3.02 -20.10 -11.22
N GLN A 615 -2.73 -18.81 -11.04
CA GLN A 615 -1.42 -18.30 -11.48
C GLN A 615 -0.53 -17.68 -10.37
N GLY A 616 -0.99 -17.70 -9.14
CA GLY A 616 -0.21 -17.13 -8.05
C GLY A 616 -0.01 -15.62 -8.19
N VAL A 617 -0.98 -14.98 -8.83
CA VAL A 617 -0.98 -13.53 -9.00
C VAL A 617 -1.93 -12.88 -8.00
N GLY A 618 -1.43 -11.97 -7.15
CA GLY A 618 -2.23 -11.35 -6.12
C GLY A 618 -2.54 -9.88 -6.39
N ALA A 619 -2.01 -9.36 -7.48
CA ALA A 619 -2.33 -8.00 -7.92
C ALA A 619 -2.13 -7.85 -9.42
N SER A 620 -3.12 -7.23 -10.07
CA SER A 620 -3.15 -7.08 -11.52
C SER A 620 -4.34 -6.19 -11.88
N LYS A 621 -4.43 -5.77 -13.14
CA LYS A 621 -5.58 -4.98 -13.58
C LYS A 621 -6.76 -5.91 -13.88
N VAL A 622 -7.71 -5.97 -12.95
CA VAL A 622 -8.83 -6.90 -13.07
C VAL A 622 -10.06 -6.13 -13.46
N PRO A 623 -10.68 -6.49 -14.59
CA PRO A 623 -11.92 -5.80 -15.00
C PRO A 623 -13.04 -6.12 -14.03
N ASP A 624 -13.75 -5.12 -13.54
CA ASP A 624 -14.88 -5.37 -12.66
C ASP A 624 -16.12 -5.76 -13.46
N ILE A 625 -17.29 -5.77 -12.80
CA ILE A 625 -18.51 -6.20 -13.48
C ILE A 625 -18.86 -5.32 -14.70
N HIS A 626 -18.53 -4.05 -14.64
CA HIS A 626 -18.77 -3.13 -15.76
C HIS A 626 -17.50 -2.88 -16.57
N ASP A 627 -16.58 -3.83 -16.53
CA ASP A 627 -15.33 -3.75 -17.29
C ASP A 627 -14.43 -2.56 -16.95
N VAL A 628 -14.62 -1.96 -15.78
CA VAL A 628 -13.66 -0.98 -15.28
C VAL A 628 -12.46 -1.73 -14.69
N ALA A 629 -11.25 -1.33 -15.08
CA ALA A 629 -10.05 -2.00 -14.57
C ALA A 629 -9.75 -1.54 -13.15
N LEU A 630 -9.62 -2.50 -12.22
CA LEU A 630 -9.34 -2.15 -10.83
C LEU A 630 -8.08 -2.86 -10.37
N MET A 631 -7.29 -2.13 -9.58
CA MET A 631 -6.09 -2.69 -8.93
C MET A 631 -6.40 -2.81 -7.45
N GLU A 632 -7.03 -3.91 -7.05
CA GLU A 632 -7.31 -4.17 -5.63
C GLU A 632 -6.36 -5.26 -5.14
N ASP A 633 -6.20 -5.38 -3.83
CA ASP A 633 -5.47 -6.52 -3.28
C ASP A 633 -6.44 -7.53 -2.67
N ARG A 634 -5.91 -8.55 -1.99
CA ARG A 634 -6.72 -9.62 -1.41
C ARG A 634 -7.89 -9.17 -0.55
N ALA A 635 -7.79 -7.97 0.03
CA ALA A 635 -8.83 -7.45 0.89
C ALA A 635 -10.17 -7.32 0.14
N THR A 636 -10.13 -7.30 -1.19
CA THR A 636 -11.37 -7.27 -1.98
C THR A 636 -12.17 -8.55 -1.72
N LEU A 637 -11.47 -9.65 -1.50
CA LEU A 637 -12.13 -10.92 -1.17
C LEU A 637 -12.81 -10.85 0.18
N ARG A 638 -12.14 -10.20 1.12
CA ARG A 638 -12.66 -10.15 2.50
C ARG A 638 -13.94 -9.32 2.59
N ILE A 639 -13.94 -8.14 1.98
CA ILE A 639 -15.18 -7.35 2.01
C ILE A 639 -16.30 -8.05 1.23
N SER A 640 -15.97 -8.56 0.05
CA SER A 640 -16.99 -9.12 -0.83
C SER A 640 -17.60 -10.39 -0.23
N SER A 641 -16.74 -11.29 0.24
CA SER A 641 -17.23 -12.51 0.86
C SER A 641 -18.00 -12.26 2.17
N GLN A 642 -17.56 -11.29 2.98
CA GLN A 642 -18.24 -11.03 4.23
C GLN A 642 -19.64 -10.43 3.98
N LEU A 643 -19.76 -9.56 2.99
CA LEU A 643 -21.05 -8.93 2.68
C LEU A 643 -22.07 -9.99 2.24
N LEU A 644 -21.65 -10.86 1.32
CA LEU A 644 -22.50 -11.95 0.86
C LEU A 644 -22.83 -12.90 2.01
N ALA A 645 -21.84 -13.18 2.87
CA ALA A 645 -22.10 -14.07 4.00
C ALA A 645 -23.14 -13.46 4.92
N ASN A 646 -23.05 -12.13 5.09
CA ASN A 646 -24.00 -11.38 5.89
C ASN A 646 -25.40 -11.38 5.30
N TRP A 647 -25.52 -11.17 4.00
CA TRP A 647 -26.83 -11.19 3.35
C TRP A 647 -27.45 -12.60 3.40
N LEU A 648 -26.60 -13.60 3.26
CA LEU A 648 -27.02 -14.99 3.40
C LEU A 648 -27.52 -15.22 4.82
N ARG A 649 -26.72 -14.77 5.78
CA ARG A 649 -27.00 -14.96 7.20
C ARG A 649 -28.37 -14.42 7.61
N HIS A 650 -28.73 -13.26 7.07
CA HIS A 650 -29.96 -12.60 7.49
C HIS A 650 -31.08 -12.75 6.46
N GLY A 651 -30.95 -13.76 5.60
CA GLY A 651 -31.98 -14.08 4.63
C GLY A 651 -32.34 -13.02 3.59
N VAL A 652 -31.38 -12.17 3.26
CA VAL A 652 -31.57 -11.22 2.15
C VAL A 652 -31.57 -11.95 0.81
N ILE A 653 -30.71 -12.98 0.70
CA ILE A 653 -30.60 -13.78 -0.51
C ILE A 653 -30.59 -15.26 -0.14
N THR A 654 -30.79 -16.13 -1.13
CA THR A 654 -30.82 -17.58 -0.85
C THR A 654 -29.56 -18.23 -1.36
N SER A 655 -29.33 -19.46 -0.91
CA SER A 655 -28.22 -20.26 -1.43
C SER A 655 -28.31 -20.44 -2.95
N ALA A 656 -29.53 -20.52 -3.47
CA ALA A 656 -29.74 -20.61 -4.90
C ALA A 656 -29.29 -19.31 -5.59
N ASP A 657 -29.61 -18.18 -4.97
CA ASP A 657 -29.16 -16.88 -5.50
C ASP A 657 -27.64 -16.85 -5.66
N VAL A 658 -26.92 -17.18 -4.59
CA VAL A 658 -25.47 -17.13 -4.61
C VAL A 658 -24.89 -18.01 -5.70
N ARG A 659 -25.32 -19.27 -5.75
CA ARG A 659 -24.82 -20.22 -6.75
C ARG A 659 -25.09 -19.74 -8.17
N ALA A 660 -26.32 -19.31 -8.43
CA ALA A 660 -26.72 -18.81 -9.75
C ALA A 660 -25.90 -17.59 -10.15
N SER A 661 -25.65 -16.69 -9.19
CA SER A 661 -24.80 -15.55 -9.48
C SER A 661 -23.41 -16.03 -9.87
N LEU A 662 -22.85 -16.94 -9.06
CA LEU A 662 -21.53 -17.48 -9.33
C LEU A 662 -21.45 -18.05 -10.74
N GLU A 663 -22.48 -18.82 -11.12
CA GLU A 663 -22.47 -19.44 -12.44
C GLU A 663 -22.68 -18.42 -13.56
N ARG A 664 -23.40 -17.34 -13.27
CA ARG A 664 -23.59 -16.26 -14.23
C ARG A 664 -22.27 -15.52 -14.45
N MET A 665 -21.61 -15.16 -13.35
CA MET A 665 -20.44 -14.31 -13.45
C MET A 665 -19.19 -15.05 -13.94
N ALA A 666 -19.13 -16.36 -13.72
CA ALA A 666 -17.97 -17.15 -14.15
C ALA A 666 -17.63 -17.06 -15.66
N PRO A 667 -18.61 -17.26 -16.56
CA PRO A 667 -18.32 -17.11 -17.99
C PRO A 667 -17.89 -15.68 -18.30
N LEU A 668 -18.46 -14.72 -17.57
CA LEU A 668 -18.11 -13.32 -17.74
C LEU A 668 -16.62 -13.13 -17.45
N VAL A 669 -16.20 -13.60 -16.28
CA VAL A 669 -14.80 -13.56 -15.89
C VAL A 669 -13.93 -14.32 -16.89
N ASP A 670 -14.43 -15.48 -17.34
CA ASP A 670 -13.73 -16.26 -18.37
C ASP A 670 -13.48 -15.38 -19.59
N ARG A 671 -14.55 -14.73 -20.03
CA ARG A 671 -14.49 -13.80 -21.17
C ARG A 671 -13.53 -12.65 -20.94
N GLN A 672 -13.53 -12.11 -19.72
CA GLN A 672 -12.66 -11.00 -19.36
C GLN A 672 -11.18 -11.38 -19.36
N ASN A 673 -10.90 -12.68 -19.39
CA ASN A 673 -9.52 -13.18 -19.39
C ASN A 673 -9.08 -13.78 -20.72
N ALA A 674 -9.73 -13.37 -21.81
CA ALA A 674 -9.46 -13.90 -23.15
C ALA A 674 -8.01 -13.70 -23.61
N GLY A 675 -7.44 -12.52 -23.36
CA GLY A 675 -6.05 -12.27 -23.73
C GLY A 675 -5.02 -13.26 -23.18
N ASP A 676 -5.35 -13.90 -22.06
CA ASP A 676 -4.37 -14.68 -21.29
C ASP A 676 -4.19 -16.13 -21.78
N VAL A 677 -3.06 -16.38 -22.43
CA VAL A 677 -2.77 -17.70 -23.02
C VAL A 677 -2.74 -18.81 -21.98
N ALA A 678 -2.41 -18.45 -20.74
CA ALA A 678 -2.24 -19.40 -19.65
C ALA A 678 -3.54 -19.63 -18.87
N TYR A 679 -4.58 -18.88 -19.20
CA TYR A 679 -5.83 -18.93 -18.45
C TYR A 679 -6.59 -20.25 -18.63
N ARG A 680 -7.13 -20.77 -17.53
CA ARG A 680 -8.03 -21.92 -17.53
C ARG A 680 -9.46 -21.49 -17.16
N PRO A 681 -10.43 -21.69 -18.07
CA PRO A 681 -11.80 -21.21 -17.82
C PRO A 681 -12.50 -21.97 -16.70
N MET A 682 -13.39 -21.28 -15.97
CA MET A 682 -14.14 -21.91 -14.89
C MET A 682 -15.42 -22.56 -15.43
N ALA A 683 -15.98 -21.94 -16.46
CA ALA A 683 -17.23 -22.40 -17.07
C ALA A 683 -16.93 -23.23 -18.31
N PRO A 684 -17.79 -24.24 -18.59
CA PRO A 684 -19.03 -24.54 -17.88
C PRO A 684 -18.91 -25.65 -16.83
N ASN A 685 -17.73 -26.23 -16.67
CA ASN A 685 -17.51 -27.25 -15.64
C ASN A 685 -17.13 -26.67 -14.27
N PHE A 686 -18.06 -25.93 -13.67
CA PHE A 686 -17.82 -25.21 -12.43
C PHE A 686 -17.19 -26.06 -11.31
N ASP A 687 -17.77 -27.25 -11.07
CA ASP A 687 -17.36 -28.08 -9.94
C ASP A 687 -15.98 -28.73 -10.13
N ASP A 688 -15.38 -28.53 -11.30
CA ASP A 688 -14.06 -29.07 -11.60
C ASP A 688 -12.97 -27.99 -11.54
N SER A 689 -13.38 -26.75 -11.33
CA SER A 689 -12.44 -25.63 -11.22
C SER A 689 -12.12 -25.35 -9.75
N ILE A 690 -10.88 -25.57 -9.34
CA ILE A 690 -10.46 -25.29 -7.96
C ILE A 690 -10.75 -23.81 -7.59
N ALA A 691 -10.47 -22.92 -8.52
CA ALA A 691 -10.76 -21.49 -8.35
C ALA A 691 -12.24 -21.18 -8.13
N PHE A 692 -13.12 -21.77 -8.95
CA PHE A 692 -14.57 -21.58 -8.73
C PHE A 692 -14.96 -22.07 -7.34
N LEU A 693 -14.49 -23.28 -6.99
CA LEU A 693 -14.80 -23.87 -5.69
C LEU A 693 -14.28 -23.03 -4.51
N ALA A 694 -13.13 -22.38 -4.72
CA ALA A 694 -12.58 -21.48 -3.72
C ALA A 694 -13.52 -20.29 -3.52
N ALA A 695 -13.97 -19.75 -4.64
CA ALA A 695 -14.88 -18.60 -4.59
C ALA A 695 -16.13 -18.98 -3.81
N GLN A 696 -16.68 -20.15 -4.09
CA GLN A 696 -17.90 -20.60 -3.41
C GLN A 696 -17.63 -20.78 -1.92
N GLU A 697 -16.48 -21.38 -1.59
CA GLU A 697 -16.13 -21.65 -0.19
C GLU A 697 -15.98 -20.36 0.62
N LEU A 698 -15.32 -19.37 0.05
CA LEU A 698 -15.16 -18.07 0.72
C LEU A 698 -16.51 -17.47 1.13
N ILE A 699 -17.53 -17.68 0.30
CA ILE A 699 -18.85 -17.16 0.62
C ILE A 699 -19.60 -18.04 1.63
N LEU A 700 -19.74 -19.33 1.32
CA LEU A 700 -20.58 -20.21 2.14
C LEU A 700 -19.97 -20.47 3.52
N SER A 701 -18.63 -20.40 3.61
CA SER A 701 -17.95 -20.58 4.89
C SER A 701 -17.49 -19.25 5.46
N GLY A 702 -17.84 -18.17 4.77
CA GLY A 702 -17.44 -16.83 5.18
C GLY A 702 -17.68 -16.45 6.62
N ALA A 703 -18.89 -16.67 7.12
CA ALA A 703 -19.24 -16.24 8.47
C ALA A 703 -18.39 -16.93 9.55
N GLN A 704 -17.83 -18.09 9.20
CA GLN A 704 -17.05 -18.90 10.14
C GLN A 704 -15.57 -18.59 10.17
N GLN A 705 -15.11 -17.72 9.26
CA GLN A 705 -13.67 -17.45 9.18
C GLN A 705 -13.30 -16.41 10.22
N PRO A 706 -12.13 -16.57 10.88
CA PRO A 706 -11.72 -15.69 11.97
C PRO A 706 -11.58 -14.26 11.44
N ASN A 707 -12.39 -13.36 11.96
CA ASN A 707 -12.44 -11.96 11.53
C ASN A 707 -12.66 -11.82 10.02
N GLY A 708 -13.26 -12.84 9.41
CA GLY A 708 -13.54 -12.80 7.99
C GLY A 708 -12.32 -12.98 7.12
N TYR A 709 -11.20 -13.41 7.70
CA TYR A 709 -9.97 -13.54 6.92
C TYR A 709 -10.05 -14.66 5.86
N THR A 710 -9.57 -14.35 4.65
CA THR A 710 -9.71 -15.23 3.50
C THR A 710 -8.48 -16.12 3.28
N GLU A 711 -7.37 -15.78 3.93
CA GLU A 711 -6.13 -16.52 3.73
C GLU A 711 -6.23 -18.04 3.99
N PRO A 712 -6.82 -18.44 5.13
CA PRO A 712 -6.86 -19.89 5.38
C PRO A 712 -7.48 -20.66 4.20
N ILE A 713 -8.59 -20.17 3.67
CA ILE A 713 -9.21 -20.84 2.53
C ILE A 713 -8.40 -20.65 1.25
N LEU A 714 -7.98 -19.42 1.00
CA LEU A 714 -7.28 -19.10 -0.26
C LEU A 714 -5.99 -19.88 -0.37
N HIS A 715 -5.19 -19.87 0.69
CA HIS A 715 -3.91 -20.57 0.67
C HIS A 715 -4.13 -22.06 0.42
N ARG A 716 -5.11 -22.65 1.10
CA ARG A 716 -5.42 -24.08 0.93
C ARG A 716 -5.73 -24.41 -0.52
N ARG A 717 -6.58 -23.60 -1.14
CA ARG A 717 -6.99 -23.82 -2.52
C ARG A 717 -5.84 -23.64 -3.50
N ARG A 718 -4.98 -22.65 -3.25
CA ARG A 718 -3.79 -22.46 -4.09
C ARG A 718 -2.82 -23.64 -3.94
N ARG A 719 -2.67 -24.17 -2.74
CA ARG A 719 -1.82 -25.35 -2.54
CA ARG A 719 -1.82 -25.34 -2.55
C ARG A 719 -2.42 -26.55 -3.25
N GLU A 720 -3.76 -26.64 -3.22
CA GLU A 720 -4.45 -27.72 -3.92
C GLU A 720 -4.17 -27.62 -5.42
N PHE A 721 -4.27 -26.41 -5.96
CA PHE A 721 -3.96 -26.20 -7.37
C PHE A 721 -2.53 -26.61 -7.73
N LYS A 722 -1.55 -26.14 -6.96
CA LYS A 722 -0.14 -26.42 -7.24
C LYS A 722 0.10 -27.92 -7.28
N ALA A 723 -0.50 -28.62 -6.33
CA ALA A 723 -0.36 -30.07 -6.24
C ALA A 723 -0.96 -30.77 -7.46
N ARG A 724 -2.19 -30.40 -7.82
CA ARG A 724 -2.84 -30.97 -9.01
C ARG A 724 -1.99 -30.76 -10.25
N ALA A 725 -1.48 -29.53 -10.40
CA ALA A 725 -0.61 -29.19 -11.51
C ALA A 725 0.70 -30.02 -11.53
N ALA A 726 1.17 -30.43 -10.36
CA ALA A 726 2.43 -31.19 -10.25
C ALA A 726 2.29 -32.62 -10.76
N GLU A 727 1.07 -33.16 -10.68
CA GLU A 727 0.78 -34.50 -11.17
C GLU A 727 -0.04 -34.45 -12.46
#